data_8QJC
#
_entry.id   8QJC
#
_cell.length_a   71.443
_cell.length_b   118.326
_cell.length_c   169.755
_cell.angle_alpha   90.000
_cell.angle_beta   90.000
_cell.angle_gamma   90.000
#
_symmetry.space_group_name_H-M   'P 21 21 21'
#
loop_
_entity.id
_entity.type
_entity.pdbx_description
1 polymer 'T6SS-associated Rhs core and toxin domain'
2 water water
#
_entity_poly.entity_id   1
_entity_poly.type   'polypeptide(L)'
_entity_poly.pdbx_seq_one_letter_code
;MMAKNYIARQDGLWTVISLTPDVCKTPVGSSTPPVPYAVIASLGDAVQTVQTVKANGHPVLVLDQSIIPYTKGDEPGVAK
GVKSGTVGDICEPLEHSRTVFAGGKPVLRHFDKFWMNARNTTGLIIGQPPVAADSVSKADPAPEPETKEEQSIWDTMLMI
QTDQSRAQIEAAPVLLDITIGAAKAFWNQFPDLATILGQGAAMQSAGEMQMNGAMLSAMGMDEMGEAQYRMGEEVMAHAG
DFNLDEYRLKMSNRNQEIGGMAYDYGSLVLGGYGLARGGFMGLKTMRTASKLVHEGEAGGKFAAHMMKMDNAEDAATDAE
KLADDVVPEGRDGANIKGETQGNGDRGDGVNSMLCTKSGEPVDIGTGDFLQHFSVLSLPGSLPLTLSRFYRSQAKGTGIF
GPKWTDEWSCMLTVHGNDMHFTNHEGVDLYYRIPQNGIFRDTANSRQAYYRLSGDIRDELTIFDRRSQHSQIFSLTDNGI
YLLSAIHDRYGNRADFIRTEGLLTGIHHSDGYTLALGWQQRQLVSIDLATPQRQRLVTCHYDKNGYLAECDTIQFSHLWH
EYTSEGWMTRWRDTDKTCVDIVYDTLGRTVSTLSTEGYFDDQFLYNDDEKCTTYLDAEGGETRYWYNGDGLVTRSIDPLG
REETSVWENTRLRSRTDALGRTTAYDYNNEGEISRVSLPGGYSLYYDYNEHGQLTRLSAPGNQVWLWEYDGKGSMVCLTD
PQGRQQQFSYSEHGDLLRQIMPNGATWRWSHDALHQVRATTAPDGGVTQTEQDILGRLLSVKDPLGYTTQFRYSKNHAGP
QGSVEEIRRPDGVRELMRQNSEKLPESFTDGEGNTTRYEYGAFDLLTAVIRPDGERLACRYDKLTRLTEITNAEGEHYRL
RYDKAGQLVAETDFTGRTLTYSYDAAGRCIRTTFPDGTHLNRQYSTTDQVTREEVAQGDSDRVLSCTTFIYDALSRLTEA
RNNDATVTYEYDDASRVTAETINGRRTEYNYDPDQDTVSQRTTAGITECFTRGLTGELTQWQIDGHTPLTLEHDLRGQEI
SRQSEAGFSLRQNYTPTGMLTGQQAGDLTEQNPHYWRNNTLQRQWLYDKAYNLTMISDSLRGTMVNSVTANDQISHATWT
GSSDIPMREERFAYDRNLNITRRQTQVNGVPDSEAYQHQQHGRVTSREYKAWRHTTTRINPDSGMPEEGQFVRVIRDEQT
TWKYDVNGRLVEKLIDKGGYRPLRWRYRWDARSQLTGLETPEGERREYKYDPFGRRISKRCTNRDRPGTDFHWNGDQLTE
EIPVGTDGTPEYENAIRWIYEPGSFTPLARYEKGQLHYTITDTVGRIQELLTEDGTIVWRGKQHLWGREEGRNKDDAPSC
RLRFPGQYEDEESGLYYNRFRYYDCEAGQYLCADPIGLRGGINLYAYAPNPLSWIDPLGLKCGETAQPEWTNHRYKHFPP
KNKSWKDIIKSTKTGPAKYMHDIDIKTLEYDVFNTGMPATNGKPWKVKNIGKVIGASEGKESQWMRVELSGGTIHGHPIS
IDEFRRLTTQ
;
_entity_poly.pdbx_strand_id   A
#
# COMPACT_ATOMS: atom_id res chain seq x y z
N GLU A 360 -7.20 16.89 -16.73
CA GLU A 360 -7.70 17.26 -18.04
C GLU A 360 -8.99 18.08 -17.91
N PRO A 361 -8.86 19.39 -17.68
CA PRO A 361 -10.04 20.24 -17.58
C PRO A 361 -10.49 20.76 -18.94
N VAL A 362 -9.60 20.69 -19.94
CA VAL A 362 -9.82 21.28 -21.24
C VAL A 362 -9.63 20.23 -22.31
N ASP A 363 -10.60 20.11 -23.22
CA ASP A 363 -10.45 19.26 -24.39
C ASP A 363 -9.50 19.96 -25.37
N ILE A 364 -8.30 19.40 -25.53
CA ILE A 364 -7.26 20.05 -26.33
C ILE A 364 -7.71 20.19 -27.77
N GLY A 365 -8.40 19.18 -28.30
CA GLY A 365 -8.80 19.21 -29.70
C GLY A 365 -9.85 20.24 -30.03
N THR A 366 -10.53 20.79 -29.03
CA THR A 366 -11.62 21.75 -29.25
C THR A 366 -11.56 23.00 -28.39
N GLY A 367 -10.85 22.98 -27.27
CA GLY A 367 -10.94 24.07 -26.31
C GLY A 367 -12.11 23.95 -25.36
N ASP A 368 -12.79 22.82 -25.35
CA ASP A 368 -13.94 22.61 -24.47
C ASP A 368 -13.48 22.56 -23.02
N PHE A 369 -14.21 23.25 -22.15
CA PHE A 369 -14.09 23.00 -20.72
C PHE A 369 -14.87 21.73 -20.38
N LEU A 370 -14.23 20.81 -19.66
CA LEU A 370 -14.79 19.49 -19.41
C LEU A 370 -14.86 19.22 -17.91
N GLN A 371 -15.96 18.60 -17.49
CA GLN A 371 -16.10 18.14 -16.12
C GLN A 371 -16.95 16.87 -16.14
N HIS A 372 -16.55 15.91 -15.31
CA HIS A 372 -17.27 14.65 -15.16
C HIS A 372 -17.32 14.31 -13.69
N PHE A 373 -18.52 14.26 -13.12
CA PHE A 373 -18.69 14.06 -11.68
C PHE A 373 -19.64 12.90 -11.42
N SER A 374 -19.27 12.05 -10.47
CA SER A 374 -20.17 11.00 -10.02
C SER A 374 -21.35 11.62 -9.29
N VAL A 375 -22.54 11.08 -9.53
CA VAL A 375 -23.75 11.56 -8.91
C VAL A 375 -24.33 10.52 -7.94
N LEU A 376 -24.46 9.28 -8.40
CA LEU A 376 -25.22 8.28 -7.67
C LEU A 376 -24.69 6.90 -8.05
N SER A 377 -24.62 6.01 -7.06
CA SER A 377 -24.13 4.65 -7.30
C SER A 377 -24.83 3.74 -6.29
N LEU A 378 -25.83 3.01 -6.77
CA LEU A 378 -26.65 2.17 -5.90
C LEU A 378 -26.29 0.71 -6.10
N PRO A 379 -25.93 -0.01 -5.05
CA PRO A 379 -25.55 -1.42 -5.22
C PRO A 379 -26.75 -2.28 -5.57
N GLY A 380 -26.46 -3.41 -6.19
CA GLY A 380 -27.51 -4.35 -6.58
C GLY A 380 -26.99 -5.34 -7.59
N SER A 381 -27.84 -6.32 -7.88
CA SER A 381 -27.51 -7.33 -8.89
C SER A 381 -27.08 -6.65 -10.20
N LEU A 382 -27.89 -5.71 -10.66
CA LEU A 382 -27.51 -4.78 -11.71
C LEU A 382 -27.24 -3.43 -11.05
N PRO A 383 -25.98 -3.04 -10.86
CA PRO A 383 -25.70 -1.76 -10.19
C PRO A 383 -26.26 -0.59 -10.99
N LEU A 384 -26.77 0.40 -10.28
CA LEU A 384 -27.36 1.59 -10.88
C LEU A 384 -26.42 2.76 -10.61
N THR A 385 -25.71 3.19 -11.64
CA THR A 385 -24.74 4.28 -11.53
C THR A 385 -25.19 5.46 -12.37
N LEU A 386 -25.00 6.66 -11.84
CA LEU A 386 -25.34 7.89 -12.52
C LEU A 386 -24.18 8.89 -12.39
N SER A 387 -23.86 9.56 -13.48
CA SER A 387 -22.85 10.61 -13.48
C SER A 387 -23.32 11.73 -14.41
N ARG A 388 -22.60 12.85 -14.35
CA ARG A 388 -22.92 14.01 -15.19
C ARG A 388 -21.66 14.51 -15.86
N PHE A 389 -21.73 14.68 -17.18
CA PHE A 389 -20.58 15.07 -18.00
C PHE A 389 -20.87 16.40 -18.67
N TYR A 390 -19.94 17.34 -18.55
CA TYR A 390 -20.12 18.69 -19.07
C TYR A 390 -19.11 18.99 -20.17
N ARG A 391 -19.58 19.62 -21.24
CA ARG A 391 -18.73 20.08 -22.33
C ARG A 391 -19.22 21.47 -22.72
N SER A 392 -18.33 22.46 -22.68
CA SER A 392 -18.77 23.85 -22.79
C SER A 392 -19.41 24.16 -24.14
N GLN A 393 -18.95 23.54 -25.22
CA GLN A 393 -19.52 23.76 -26.54
C GLN A 393 -20.53 22.69 -26.92
N ALA A 394 -21.01 21.91 -25.95
CA ALA A 394 -21.94 20.84 -26.23
C ALA A 394 -23.33 21.38 -26.55
N LYS A 395 -24.07 20.63 -27.36
CA LYS A 395 -25.46 20.95 -27.68
C LYS A 395 -26.45 20.00 -27.05
N GLY A 396 -25.99 18.96 -26.37
CA GLY A 396 -26.89 17.98 -25.79
C GLY A 396 -27.55 18.45 -24.51
N THR A 397 -28.59 17.73 -24.12
CA THR A 397 -29.31 17.96 -22.88
C THR A 397 -29.45 16.63 -22.15
N GLY A 398 -29.55 16.69 -20.83
CA GLY A 398 -29.79 15.50 -20.04
C GLY A 398 -30.83 15.76 -18.97
N ILE A 399 -30.90 14.87 -17.98
CA ILE A 399 -31.85 15.08 -16.89
C ILE A 399 -31.45 16.27 -16.03
N PHE A 400 -30.21 16.72 -16.11
CA PHE A 400 -29.73 17.86 -15.34
C PHE A 400 -29.72 19.16 -16.16
N GLY A 401 -30.45 19.19 -17.27
CA GLY A 401 -30.55 20.40 -18.07
C GLY A 401 -29.56 20.42 -19.21
N PRO A 402 -29.50 21.54 -19.92
CA PRO A 402 -28.57 21.65 -21.06
C PRO A 402 -27.11 21.63 -20.60
N LYS A 403 -26.24 21.21 -21.50
CA LYS A 403 -24.79 21.11 -21.40
C LYS A 403 -24.34 19.91 -20.56
N TRP A 404 -25.23 19.24 -19.82
CA TRP A 404 -24.87 18.08 -19.01
C TRP A 404 -25.53 16.84 -19.60
N THR A 405 -24.75 15.77 -19.74
CA THR A 405 -25.24 14.48 -20.21
C THR A 405 -25.09 13.43 -19.13
N ASP A 406 -25.87 12.36 -19.24
CA ASP A 406 -25.94 11.35 -18.18
C ASP A 406 -26.36 10.01 -18.79
N GLU A 407 -26.24 8.96 -17.98
CA GLU A 407 -26.55 7.60 -18.41
C GLU A 407 -28.04 7.29 -18.42
N TRP A 408 -28.89 8.21 -17.98
CA TRP A 408 -30.33 7.99 -17.96
C TRP A 408 -31.06 8.72 -19.10
N SER A 409 -30.31 9.23 -20.08
CA SER A 409 -30.90 10.05 -21.14
C SER A 409 -30.48 9.61 -22.54
N CYS A 410 -29.80 8.47 -22.66
CA CYS A 410 -29.45 7.95 -23.98
C CYS A 410 -30.71 7.78 -24.82
N MET A 411 -30.57 7.97 -26.13
CA MET A 411 -31.73 7.89 -27.00
C MET A 411 -31.29 7.54 -28.41
N LEU A 412 -32.21 6.92 -29.15
CA LEU A 412 -32.06 6.64 -30.56
C LEU A 412 -33.06 7.51 -31.33
N THR A 413 -32.58 8.18 -32.38
CA THR A 413 -33.41 9.07 -33.17
C THR A 413 -33.19 8.80 -34.65
N VAL A 414 -34.29 8.80 -35.40
CA VAL A 414 -34.23 8.56 -36.85
C VAL A 414 -33.77 9.83 -37.55
N HIS A 415 -32.82 9.69 -38.47
CA HIS A 415 -32.33 10.80 -39.29
C HIS A 415 -32.14 10.25 -40.71
N GLY A 416 -33.11 10.49 -41.57
CA GLY A 416 -33.05 9.93 -42.92
C GLY A 416 -33.14 8.41 -42.85
N ASN A 417 -32.15 7.75 -43.44
CA ASN A 417 -32.06 6.29 -43.40
C ASN A 417 -31.19 5.79 -42.26
N ASP A 418 -30.79 6.67 -41.34
CA ASP A 418 -29.92 6.31 -40.24
C ASP A 418 -30.65 6.40 -38.91
N MET A 419 -30.16 5.64 -37.95
CA MET A 419 -30.54 5.79 -36.55
C MET A 419 -29.36 6.40 -35.81
N HIS A 420 -29.61 7.50 -35.09
CA HIS A 420 -28.56 8.19 -34.34
C HIS A 420 -28.61 7.76 -32.89
N PHE A 421 -27.49 7.24 -32.38
CA PHE A 421 -27.34 6.84 -30.99
C PHE A 421 -26.58 7.92 -30.25
N THR A 422 -27.23 8.52 -29.24
CA THR A 422 -26.63 9.53 -28.38
C THR A 422 -26.29 8.89 -27.04
N ASN A 423 -25.00 8.76 -26.75
CA ASN A 423 -24.55 8.09 -25.53
C ASN A 423 -24.44 9.10 -24.39
N HIS A 424 -23.99 8.63 -23.23
CA HIS A 424 -23.99 9.45 -22.01
C HIS A 424 -22.98 10.58 -22.02
N GLU A 425 -22.22 10.74 -23.10
CA GLU A 425 -21.29 11.85 -23.24
C GLU A 425 -21.71 12.83 -24.32
N GLY A 426 -22.77 12.51 -25.07
CA GLY A 426 -23.20 13.30 -26.20
C GLY A 426 -22.66 12.85 -27.53
N VAL A 427 -21.81 11.81 -27.54
CA VAL A 427 -21.25 11.31 -28.79
C VAL A 427 -22.35 10.66 -29.61
N ASP A 428 -22.26 10.79 -30.94
CA ASP A 428 -23.25 10.27 -31.86
C ASP A 428 -22.67 9.14 -32.69
N LEU A 429 -23.35 8.00 -32.67
CA LEU A 429 -23.03 6.86 -33.52
C LEU A 429 -24.19 6.61 -34.46
N TYR A 430 -23.89 6.39 -35.74
CA TYR A 430 -24.91 6.23 -36.76
C TYR A 430 -25.04 4.75 -37.13
N TYR A 431 -26.27 4.33 -37.41
CA TYR A 431 -26.57 2.96 -37.81
C TYR A 431 -27.52 3.01 -39.00
N ARG A 432 -27.12 2.37 -40.09
CA ARG A 432 -27.96 2.36 -41.29
C ARG A 432 -29.19 1.48 -41.05
N ILE A 433 -30.37 2.06 -41.23
CA ILE A 433 -31.62 1.32 -41.06
C ILE A 433 -31.72 0.27 -42.15
N PRO A 434 -31.85 -1.01 -41.80
CA PRO A 434 -31.97 -2.04 -42.83
C PRO A 434 -33.23 -1.86 -43.67
N GLN A 435 -33.23 -2.52 -44.84
CA GLN A 435 -34.34 -2.39 -45.77
C GLN A 435 -35.64 -2.87 -45.15
N ASN A 436 -35.59 -3.94 -44.36
CA ASN A 436 -36.78 -4.44 -43.66
C ASN A 436 -37.00 -3.75 -42.31
N GLY A 437 -36.15 -2.81 -41.93
CA GLY A 437 -36.32 -2.11 -40.67
C GLY A 437 -36.03 -2.92 -39.43
N ILE A 438 -35.28 -4.01 -39.56
CA ILE A 438 -34.97 -4.91 -38.44
C ILE A 438 -33.45 -4.92 -38.25
N PHE A 439 -32.98 -4.35 -37.15
CA PHE A 439 -31.58 -4.42 -36.80
C PHE A 439 -31.26 -5.78 -36.18
N ARG A 440 -30.04 -6.27 -36.42
CA ARG A 440 -29.61 -7.54 -35.87
C ARG A 440 -28.09 -7.49 -35.70
N ASP A 441 -27.64 -7.26 -34.46
CA ASP A 441 -26.22 -7.21 -34.13
C ASP A 441 -25.50 -6.17 -34.98
N THR A 442 -26.17 -5.06 -35.24
CA THR A 442 -25.60 -4.00 -36.06
C THR A 442 -24.60 -3.19 -35.24
N ALA A 443 -23.44 -2.93 -35.84
CA ALA A 443 -22.37 -2.23 -35.15
C ALA A 443 -21.85 -1.08 -36.00
N ASN A 444 -21.12 -0.17 -35.33
CA ASN A 444 -20.39 0.90 -35.98
C ASN A 444 -18.95 0.81 -35.52
N SER A 445 -18.03 0.72 -36.50
CA SER A 445 -16.62 0.45 -36.20
C SER A 445 -15.99 1.46 -35.26
N ARG A 446 -16.52 2.69 -35.19
CA ARG A 446 -15.97 3.69 -34.29
C ARG A 446 -16.11 3.28 -32.83
N GLN A 447 -17.19 2.55 -32.50
CA GLN A 447 -17.40 1.98 -31.16
C GLN A 447 -18.09 0.62 -31.37
N ALA A 448 -17.30 -0.37 -31.76
CA ALA A 448 -17.84 -1.65 -32.22
C ALA A 448 -18.47 -2.46 -31.10
N TYR A 449 -18.19 -2.15 -29.84
CA TYR A 449 -18.76 -2.93 -28.74
C TYR A 449 -20.26 -2.71 -28.59
N TYR A 450 -20.81 -1.64 -29.16
CA TYR A 450 -22.25 -1.43 -29.14
C TYR A 450 -22.92 -2.23 -30.25
N ARG A 451 -23.95 -2.99 -29.88
CA ARG A 451 -24.66 -3.83 -30.85
C ARG A 451 -26.14 -3.50 -30.81
N LEU A 452 -26.66 -3.01 -31.93
CA LEU A 452 -28.06 -2.61 -32.05
C LEU A 452 -28.87 -3.72 -32.69
N SER A 453 -30.01 -4.06 -32.07
CA SER A 453 -30.91 -5.08 -32.57
C SER A 453 -32.34 -4.66 -32.33
N GLY A 454 -33.24 -5.15 -33.18
CA GLY A 454 -34.67 -4.94 -33.00
C GLY A 454 -35.37 -4.34 -34.20
N ASP A 455 -36.69 -4.48 -34.22
CA ASP A 455 -37.54 -3.89 -35.25
C ASP A 455 -37.90 -2.47 -34.84
N ILE A 456 -37.77 -1.53 -35.79
CA ILE A 456 -38.05 -0.13 -35.48
C ILE A 456 -39.54 0.10 -35.17
N ARG A 457 -40.40 -0.84 -35.54
CA ARG A 457 -41.81 -0.77 -35.22
C ARG A 457 -42.15 -1.41 -33.88
N ASP A 458 -41.16 -2.03 -33.23
CA ASP A 458 -41.37 -2.69 -31.95
C ASP A 458 -40.52 -1.94 -30.92
N GLU A 459 -39.31 -2.40 -30.63
CA GLU A 459 -38.42 -1.72 -29.70
C GLU A 459 -36.99 -2.06 -30.08
N LEU A 460 -36.06 -1.21 -29.64
CA LEU A 460 -34.68 -1.31 -30.05
C LEU A 460 -33.79 -1.55 -28.84
N THR A 461 -32.78 -2.41 -29.01
CA THR A 461 -31.90 -2.83 -27.94
C THR A 461 -30.46 -2.53 -28.34
N ILE A 462 -29.70 -1.95 -27.41
CA ILE A 462 -28.26 -1.74 -27.55
C ILE A 462 -27.57 -2.67 -26.56
N PHE A 463 -26.82 -3.64 -27.07
CA PHE A 463 -26.05 -4.56 -26.24
C PHE A 463 -24.60 -4.09 -26.19
N ASP A 464 -24.07 -3.97 -24.97
CA ASP A 464 -22.69 -3.54 -24.76
C ASP A 464 -21.83 -4.78 -24.54
N ARG A 465 -20.97 -5.08 -25.52
CA ARG A 465 -20.06 -6.22 -25.40
C ARG A 465 -19.06 -6.07 -24.26
N ARG A 466 -18.75 -4.84 -23.84
CA ARG A 466 -17.78 -4.67 -22.76
C ARG A 466 -18.36 -5.12 -21.42
N SER A 467 -19.65 -4.91 -21.20
CA SER A 467 -20.25 -5.19 -19.91
C SER A 467 -21.31 -6.28 -19.93
N GLN A 468 -21.71 -6.76 -21.11
CA GLN A 468 -22.78 -7.75 -21.26
C GLN A 468 -24.14 -7.20 -20.81
N HIS A 469 -24.29 -5.89 -20.73
CA HIS A 469 -25.55 -5.27 -20.37
C HIS A 469 -26.25 -4.71 -21.61
N SER A 470 -27.56 -4.53 -21.49
CA SER A 470 -28.39 -4.12 -22.60
C SER A 470 -29.25 -2.92 -22.20
N GLN A 471 -29.49 -2.05 -23.17
CA GLN A 471 -30.38 -0.89 -23.02
C GLN A 471 -31.55 -1.05 -23.97
N ILE A 472 -32.76 -0.92 -23.45
CA ILE A 472 -33.98 -0.97 -24.26
C ILE A 472 -34.43 0.45 -24.54
N PHE A 473 -34.81 0.72 -25.78
CA PHE A 473 -35.29 2.03 -26.19
C PHE A 473 -36.67 1.87 -26.82
N SER A 474 -37.62 2.69 -26.35
CA SER A 474 -39.03 2.55 -26.71
C SER A 474 -39.48 3.76 -27.51
N LEU A 475 -40.37 3.51 -28.48
CA LEU A 475 -40.86 4.56 -29.35
C LEU A 475 -41.68 5.59 -28.57
N THR A 476 -41.46 6.87 -28.87
CA THR A 476 -42.24 7.95 -28.27
C THR A 476 -42.85 8.84 -29.33
N ASP A 477 -42.12 9.88 -29.74
CA ASP A 477 -42.68 10.94 -30.57
C ASP A 477 -41.61 11.48 -31.51
N ASN A 478 -41.99 11.66 -32.79
CA ASN A 478 -41.11 12.20 -33.83
C ASN A 478 -39.93 11.26 -34.10
N GLY A 479 -40.23 9.97 -34.23
CA GLY A 479 -39.19 8.98 -34.48
C GLY A 479 -38.10 8.95 -33.43
N ILE A 480 -38.48 9.02 -32.15
CA ILE A 480 -37.53 9.11 -31.05
C ILE A 480 -37.75 7.93 -30.11
N TYR A 481 -36.65 7.25 -29.77
CA TYR A 481 -36.69 6.09 -28.88
C TYR A 481 -35.97 6.47 -27.59
N LEU A 482 -36.73 6.63 -26.51
CA LEU A 482 -36.16 7.01 -25.23
C LEU A 482 -35.80 5.77 -24.42
N LEU A 483 -34.83 5.94 -23.53
CA LEU A 483 -34.36 4.84 -22.70
C LEU A 483 -35.47 4.39 -21.76
N SER A 484 -35.88 3.13 -21.87
CA SER A 484 -36.95 2.57 -21.05
C SER A 484 -36.51 1.44 -20.13
N ALA A 485 -35.37 0.81 -20.36
CA ALA A 485 -34.93 -0.25 -19.46
C ALA A 485 -33.43 -0.50 -19.62
N ILE A 486 -32.83 -1.02 -18.56
CA ILE A 486 -31.48 -1.56 -18.58
C ILE A 486 -31.53 -2.94 -17.92
N HIS A 487 -30.88 -3.93 -18.54
CA HIS A 487 -30.86 -5.25 -17.95
C HIS A 487 -29.58 -5.97 -18.33
N ASP A 488 -29.30 -7.05 -17.60
CA ASP A 488 -28.16 -7.91 -17.87
C ASP A 488 -28.66 -9.22 -18.49
N ARG A 489 -27.74 -10.18 -18.65
CA ARG A 489 -28.09 -11.45 -19.25
C ARG A 489 -28.81 -12.39 -18.29
N TYR A 490 -28.89 -12.04 -17.02
CA TYR A 490 -29.64 -12.82 -16.04
C TYR A 490 -31.07 -12.30 -15.84
N GLY A 491 -31.44 -11.20 -16.48
CA GLY A 491 -32.76 -10.63 -16.32
C GLY A 491 -32.88 -9.59 -15.23
N ASN A 492 -31.82 -9.29 -14.51
CA ASN A 492 -31.85 -8.18 -13.56
C ASN A 492 -32.11 -6.90 -14.33
N ARG A 493 -33.16 -6.18 -13.95
CA ARG A 493 -33.71 -5.14 -14.81
C ARG A 493 -34.03 -3.88 -14.03
N ALA A 494 -33.77 -2.73 -14.63
CA ALA A 494 -34.20 -1.44 -14.13
C ALA A 494 -35.14 -0.81 -15.16
N ASP A 495 -36.38 -0.57 -14.76
CA ASP A 495 -37.39 0.01 -15.65
C ASP A 495 -37.47 1.51 -15.44
N PHE A 496 -37.53 2.25 -16.54
CA PHE A 496 -37.59 3.71 -16.53
C PHE A 496 -39.02 4.15 -16.84
N ILE A 497 -39.59 4.96 -15.96
CA ILE A 497 -40.98 5.40 -16.06
C ILE A 497 -41.00 6.88 -16.36
N ARG A 498 -41.70 7.27 -17.42
CA ARG A 498 -41.75 8.64 -17.88
C ARG A 498 -43.20 9.12 -17.88
N THR A 499 -43.43 10.29 -17.28
CA THR A 499 -44.74 10.93 -17.29
C THR A 499 -44.56 12.35 -17.80
N GLU A 500 -45.44 12.76 -18.71
CA GLU A 500 -45.35 14.06 -19.38
C GLU A 500 -43.97 14.27 -20.00
N GLY A 501 -43.41 13.20 -20.54
CA GLY A 501 -42.11 13.25 -21.18
C GLY A 501 -40.92 13.27 -20.25
N LEU A 502 -41.13 13.33 -18.94
CA LEU A 502 -40.04 13.44 -17.98
C LEU A 502 -39.83 12.12 -17.26
N LEU A 503 -38.57 11.75 -17.06
CA LEU A 503 -38.22 10.58 -16.28
C LEU A 503 -38.56 10.83 -14.81
N THR A 504 -39.57 10.14 -14.30
CA THR A 504 -40.04 10.36 -12.94
C THR A 504 -39.90 9.15 -12.02
N GLY A 505 -39.64 7.98 -12.55
CA GLY A 505 -39.51 6.79 -11.71
C GLY A 505 -38.54 5.79 -12.30
N ILE A 506 -37.94 5.00 -11.43
CA ILE A 506 -37.12 3.85 -11.81
C ILE A 506 -37.47 2.69 -10.88
N HIS A 507 -37.77 1.54 -11.47
CA HIS A 507 -38.08 0.33 -10.71
C HIS A 507 -36.98 -0.70 -10.96
N HIS A 508 -36.36 -1.18 -9.89
CA HIS A 508 -35.31 -2.17 -9.97
C HIS A 508 -35.85 -3.53 -9.55
N SER A 509 -35.47 -4.57 -10.28
CA SER A 509 -35.94 -5.92 -9.98
C SER A 509 -35.42 -6.46 -8.65
N ASP A 510 -34.40 -5.83 -8.06
CA ASP A 510 -33.97 -6.24 -6.73
C ASP A 510 -35.03 -5.92 -5.68
N GLY A 511 -35.88 -4.92 -5.94
CA GLY A 511 -36.98 -4.62 -5.04
C GLY A 511 -37.03 -3.20 -4.51
N TYR A 512 -36.33 -2.26 -5.15
CA TYR A 512 -36.40 -0.87 -4.74
C TYR A 512 -36.86 -0.01 -5.92
N THR A 513 -37.34 1.19 -5.60
CA THR A 513 -37.78 2.15 -6.61
C THR A 513 -37.17 3.52 -6.32
N LEU A 514 -37.00 4.31 -7.39
CA LEU A 514 -36.52 5.67 -7.28
C LEU A 514 -37.61 6.63 -7.77
N ALA A 515 -37.67 7.81 -7.14
CA ALA A 515 -38.59 8.87 -7.55
C ALA A 515 -37.78 10.11 -7.92
N LEU A 516 -38.07 10.66 -9.09
CA LEU A 516 -37.43 11.87 -9.58
C LEU A 516 -38.44 13.01 -9.56
N GLY A 517 -38.12 14.08 -8.85
CA GLY A 517 -39.03 15.20 -8.67
C GLY A 517 -38.68 16.35 -9.57
N TRP A 518 -39.68 16.85 -10.31
CA TRP A 518 -39.50 17.89 -11.30
C TRP A 518 -40.32 19.12 -10.93
N GLN A 519 -39.75 20.29 -11.17
CA GLN A 519 -40.44 21.57 -10.99
C GLN A 519 -40.25 22.40 -12.24
N GLN A 520 -41.35 22.72 -12.91
CA GLN A 520 -41.32 23.40 -14.21
C GLN A 520 -40.35 22.71 -15.17
N ARG A 521 -40.44 21.39 -15.20
CA ARG A 521 -39.64 20.53 -16.07
C ARG A 521 -38.15 20.70 -15.80
N GLN A 522 -37.78 20.92 -14.54
CA GLN A 522 -36.40 20.94 -14.09
C GLN A 522 -36.25 19.93 -12.96
N LEU A 523 -35.27 19.04 -13.06
CA LEU A 523 -35.07 18.01 -12.05
C LEU A 523 -34.49 18.63 -10.78
N VAL A 524 -35.26 18.56 -9.69
CA VAL A 524 -34.81 19.11 -8.42
C VAL A 524 -34.38 18.00 -7.44
N SER A 525 -34.95 16.80 -7.55
CA SER A 525 -34.66 15.77 -6.55
C SER A 525 -34.63 14.38 -7.17
N ILE A 526 -33.72 13.54 -6.69
CA ILE A 526 -33.75 12.10 -6.90
C ILE A 526 -33.84 11.46 -5.54
N ASP A 527 -34.88 10.63 -5.34
CA ASP A 527 -35.13 10.03 -4.05
C ASP A 527 -35.20 8.51 -4.18
N LEU A 528 -34.60 7.82 -3.22
CA LEU A 528 -34.99 6.44 -2.95
C LEU A 528 -36.38 6.47 -2.32
N ALA A 529 -37.34 5.81 -2.97
CA ALA A 529 -38.73 5.87 -2.53
C ALA A 529 -39.12 4.66 -1.69
N THR A 530 -38.96 3.46 -2.22
CA THR A 530 -39.24 2.21 -1.54
C THR A 530 -38.05 1.28 -1.66
N PRO A 531 -37.84 0.38 -0.68
CA PRO A 531 -38.63 0.17 0.54
C PRO A 531 -38.35 1.20 1.63
N GLN A 532 -37.39 2.09 1.39
CA GLN A 532 -37.03 3.15 2.32
C GLN A 532 -37.05 4.48 1.59
N ARG A 533 -37.32 5.56 2.33
CA ARG A 533 -37.37 6.90 1.77
C ARG A 533 -36.08 7.63 2.11
N GLN A 534 -35.32 8.00 1.09
CA GLN A 534 -34.03 8.65 1.29
C GLN A 534 -33.73 9.60 0.14
N ARG A 535 -33.40 10.84 0.47
CA ARG A 535 -33.01 11.83 -0.53
C ARG A 535 -31.59 11.55 -1.01
N LEU A 536 -31.40 11.48 -2.32
CA LEU A 536 -30.10 11.17 -2.90
C LEU A 536 -29.42 12.37 -3.54
N VAL A 537 -30.14 13.14 -4.35
CA VAL A 537 -29.58 14.25 -5.11
C VAL A 537 -30.55 15.42 -5.05
N THR A 538 -30.00 16.64 -4.93
CA THR A 538 -30.79 17.87 -4.91
C THR A 538 -30.14 18.88 -5.85
N CYS A 539 -30.95 19.49 -6.72
CA CYS A 539 -30.43 20.35 -7.79
C CYS A 539 -31.11 21.71 -7.79
N HIS A 540 -30.32 22.74 -8.12
CA HIS A 540 -30.83 24.08 -8.38
C HIS A 540 -30.29 24.57 -9.72
N TYR A 541 -30.96 25.58 -10.26
CA TYR A 541 -30.65 26.08 -11.59
C TYR A 541 -30.60 27.60 -11.59
N ASP A 542 -29.84 28.16 -12.52
CA ASP A 542 -29.74 29.61 -12.64
C ASP A 542 -30.88 30.14 -13.51
N LYS A 543 -30.89 31.45 -13.74
CA LYS A 543 -32.00 32.08 -14.45
C LYS A 543 -32.15 31.58 -15.88
N ASN A 544 -31.13 30.94 -16.44
CA ASN A 544 -31.17 30.44 -17.82
C ASN A 544 -31.36 28.93 -17.89
N GLY A 545 -31.59 28.27 -16.76
CA GLY A 545 -31.86 26.84 -16.77
C GLY A 545 -30.66 25.93 -16.67
N TYR A 546 -29.46 26.48 -16.49
CA TYR A 546 -28.27 25.65 -16.35
C TYR A 546 -28.11 25.20 -14.90
N LEU A 547 -27.64 23.97 -14.73
CA LEU A 547 -27.47 23.37 -13.41
C LEU A 547 -26.53 24.18 -12.54
N ALA A 548 -27.06 24.83 -11.50
CA ALA A 548 -26.29 25.73 -10.66
C ALA A 548 -25.74 25.08 -9.40
N GLU A 549 -26.40 24.06 -8.88
CA GLU A 549 -25.97 23.40 -7.67
C GLU A 549 -26.44 21.96 -7.70
N CYS A 550 -25.60 21.05 -7.19
CA CYS A 550 -25.93 19.62 -7.20
C CYS A 550 -25.33 18.99 -5.96
N ASP A 551 -26.17 18.66 -4.99
CA ASP A 551 -25.75 18.04 -3.75
C ASP A 551 -26.09 16.56 -3.80
N THR A 552 -25.07 15.71 -3.63
CA THR A 552 -25.25 14.27 -3.68
C THR A 552 -24.92 13.66 -2.32
N ILE A 553 -25.63 12.59 -1.98
CA ILE A 553 -25.47 11.99 -0.66
C ILE A 553 -24.18 11.20 -0.56
N GLN A 554 -23.73 10.60 -1.67
CA GLN A 554 -22.52 9.78 -1.65
C GLN A 554 -21.27 10.50 -2.13
N PHE A 555 -21.41 11.51 -2.98
CA PHE A 555 -20.23 12.12 -3.58
C PHE A 555 -20.14 13.62 -3.29
N SER A 556 -19.95 14.43 -4.33
CA SER A 556 -19.63 15.83 -4.15
C SER A 556 -20.87 16.68 -3.99
N HIS A 557 -20.65 17.91 -3.51
CA HIS A 557 -21.67 18.96 -3.44
C HIS A 557 -21.03 20.19 -4.07
N LEU A 558 -21.49 20.56 -5.26
CA LEU A 558 -20.81 21.55 -6.07
C LEU A 558 -21.79 22.63 -6.52
N TRP A 559 -21.23 23.80 -6.81
CA TRP A 559 -21.94 24.91 -7.42
C TRP A 559 -21.32 25.22 -8.77
N HIS A 560 -22.10 25.80 -9.67
CA HIS A 560 -21.62 26.16 -11.00
C HIS A 560 -22.26 27.48 -11.43
N GLU A 561 -21.48 28.26 -12.17
CA GLU A 561 -21.95 29.52 -12.76
C GLU A 561 -21.61 29.53 -14.24
N TYR A 562 -22.51 30.13 -15.03
CA TYR A 562 -22.40 30.06 -16.49
C TYR A 562 -22.64 31.43 -17.10
N THR A 563 -22.15 31.60 -18.33
CA THR A 563 -22.56 32.70 -19.17
C THR A 563 -23.95 32.43 -19.73
N SER A 564 -24.44 33.35 -20.58
CA SER A 564 -25.73 33.13 -21.20
C SER A 564 -25.72 31.94 -22.16
N GLU A 565 -24.57 31.64 -22.75
CA GLU A 565 -24.46 30.51 -23.67
C GLU A 565 -24.21 29.19 -22.95
N GLY A 566 -24.13 29.19 -21.62
CA GLY A 566 -23.83 27.97 -20.89
C GLY A 566 -22.37 27.66 -20.72
N TRP A 567 -21.49 28.65 -20.86
CA TRP A 567 -20.06 28.46 -20.66
C TRP A 567 -19.76 28.64 -19.17
N MET A 568 -19.31 27.57 -18.52
CA MET A 568 -19.13 27.58 -17.07
C MET A 568 -17.96 28.48 -16.69
N THR A 569 -18.27 29.62 -16.09
CA THR A 569 -17.24 30.58 -15.69
C THR A 569 -16.76 30.37 -14.27
N ARG A 570 -17.46 29.59 -13.47
CA ARG A 570 -17.01 29.30 -12.11
C ARG A 570 -17.62 27.99 -11.63
N TRP A 571 -16.84 27.26 -10.85
CA TRP A 571 -17.36 26.16 -10.05
C TRP A 571 -16.66 26.17 -8.70
N ARG A 572 -17.33 25.63 -7.69
CA ARG A 572 -16.79 25.61 -6.33
C ARG A 572 -17.40 24.47 -5.54
N ASP A 573 -16.69 24.07 -4.50
CA ASP A 573 -17.20 23.08 -3.56
C ASP A 573 -17.74 23.80 -2.32
N THR A 574 -17.82 23.10 -1.20
CA THR A 574 -18.42 23.67 -0.01
C THR A 574 -17.47 24.55 0.79
N ASP A 575 -16.17 24.55 0.49
CA ASP A 575 -15.23 25.22 1.38
C ASP A 575 -14.09 25.92 0.68
N LYS A 576 -13.10 25.17 0.18
CA LYS A 576 -11.82 25.75 -0.21
C LYS A 576 -11.58 25.83 -1.71
N THR A 577 -12.32 25.07 -2.52
CA THR A 577 -12.07 25.02 -3.95
C THR A 577 -13.02 25.95 -4.68
N CYS A 578 -12.47 26.85 -5.49
CA CYS A 578 -13.25 27.79 -6.29
C CYS A 578 -12.42 28.18 -7.49
N VAL A 579 -12.89 27.83 -8.69
CA VAL A 579 -12.14 28.00 -9.93
C VAL A 579 -12.90 28.96 -10.84
N ASP A 580 -12.18 29.88 -11.48
CA ASP A 580 -12.74 30.79 -12.45
C ASP A 580 -12.19 30.47 -13.83
N ILE A 581 -13.09 30.37 -14.82
CA ILE A 581 -12.73 29.99 -16.19
C ILE A 581 -13.11 31.13 -17.12
N VAL A 582 -12.23 31.44 -18.06
CA VAL A 582 -12.44 32.48 -19.06
C VAL A 582 -12.46 31.86 -20.44
N TYR A 583 -13.38 32.31 -21.28
CA TYR A 583 -13.53 31.83 -22.64
C TYR A 583 -13.33 32.97 -23.63
N ASP A 584 -12.96 32.61 -24.86
CA ASP A 584 -12.93 33.57 -25.94
C ASP A 584 -14.30 33.60 -26.62
N THR A 585 -14.45 34.53 -27.58
CA THR A 585 -15.73 34.68 -28.27
C THR A 585 -16.16 33.42 -29.00
N LEU A 586 -15.24 32.48 -29.22
CA LEU A 586 -15.54 31.23 -29.90
C LEU A 586 -15.90 30.11 -28.94
N GLY A 587 -15.88 30.36 -27.64
CA GLY A 587 -16.20 29.34 -26.65
C GLY A 587 -15.03 28.50 -26.20
N ARG A 588 -13.81 28.84 -26.59
CA ARG A 588 -12.63 28.06 -26.21
C ARG A 588 -12.11 28.53 -24.86
N THR A 589 -11.76 27.58 -24.00
CA THR A 589 -11.20 27.91 -22.70
C THR A 589 -9.80 28.51 -22.88
N VAL A 590 -9.63 29.76 -22.40
CA VAL A 590 -8.35 30.45 -22.53
C VAL A 590 -7.58 30.49 -21.20
N SER A 591 -8.24 30.44 -20.06
CA SER A 591 -7.53 30.45 -18.80
C SER A 591 -8.37 29.82 -17.70
N THR A 592 -7.69 29.35 -16.66
CA THR A 592 -8.31 28.97 -15.39
C THR A 592 -7.49 29.56 -14.25
N LEU A 593 -8.15 29.74 -13.12
CA LEU A 593 -7.46 30.24 -11.93
C LEU A 593 -8.28 29.91 -10.69
N SER A 594 -7.68 29.21 -9.73
CA SER A 594 -8.35 28.96 -8.47
C SER A 594 -8.02 30.10 -7.50
N THR A 595 -8.96 30.34 -6.58
CA THR A 595 -8.80 31.44 -5.64
C THR A 595 -7.61 31.27 -4.71
N GLU A 596 -7.13 30.04 -4.51
CA GLU A 596 -5.92 29.82 -3.73
C GLU A 596 -4.66 29.82 -4.57
N GLY A 597 -4.77 30.06 -5.88
CA GLY A 597 -3.61 30.17 -6.75
C GLY A 597 -3.32 28.96 -7.59
N TYR A 598 -3.92 27.81 -7.29
CA TYR A 598 -3.63 26.60 -8.05
C TYR A 598 -4.18 26.69 -9.46
N PHE A 599 -3.44 26.10 -10.41
CA PHE A 599 -3.87 25.97 -11.80
C PHE A 599 -4.17 27.32 -12.44
N ASP A 600 -3.26 28.27 -12.22
CA ASP A 600 -3.24 29.54 -12.95
C ASP A 600 -2.71 29.25 -14.35
N ASP A 601 -3.57 28.68 -15.19
CA ASP A 601 -3.18 28.14 -16.47
C ASP A 601 -3.77 28.97 -17.62
N GLN A 602 -3.09 28.89 -18.77
CA GLN A 602 -3.55 29.52 -20.00
C GLN A 602 -3.51 28.49 -21.12
N PHE A 603 -4.34 28.72 -22.14
CA PHE A 603 -4.47 27.80 -23.27
C PHE A 603 -4.47 28.60 -24.56
N LEU A 604 -3.54 28.27 -25.46
CA LEU A 604 -3.41 28.93 -26.74
C LEU A 604 -3.83 27.98 -27.87
N TYR A 605 -4.47 28.54 -28.90
CA TYR A 605 -5.01 27.73 -29.98
C TYR A 605 -4.50 28.24 -31.32
N ASN A 606 -4.06 27.31 -32.17
CA ASN A 606 -3.63 27.58 -33.54
C ASN A 606 -4.41 26.61 -34.43
N ASP A 607 -5.59 27.04 -34.89
CA ASP A 607 -6.44 26.16 -35.68
C ASP A 607 -5.89 25.89 -37.06
N ASP A 608 -5.03 26.79 -37.59
CA ASP A 608 -4.41 26.53 -38.88
C ASP A 608 -3.42 25.38 -38.79
N GLU A 609 -2.53 25.41 -37.79
CA GLU A 609 -1.61 24.32 -37.56
C GLU A 609 -2.24 23.15 -36.81
N LYS A 610 -3.47 23.32 -36.32
CA LYS A 610 -4.13 22.32 -35.47
C LYS A 610 -3.25 21.98 -34.28
N CYS A 611 -2.77 23.02 -33.61
CA CYS A 611 -1.88 22.88 -32.45
C CYS A 611 -2.45 23.68 -31.28
N THR A 612 -2.39 23.09 -30.09
CA THR A 612 -2.88 23.72 -28.88
C THR A 612 -1.77 23.73 -27.83
N THR A 613 -1.56 24.87 -27.21
CA THR A 613 -0.50 25.05 -26.22
C THR A 613 -1.10 25.18 -24.82
N TYR A 614 -0.54 24.43 -23.88
CA TYR A 614 -0.94 24.48 -22.47
C TYR A 614 0.20 25.13 -21.69
N LEU A 615 -0.06 26.30 -21.13
CA LEU A 615 0.90 27.01 -20.29
C LEU A 615 0.48 26.81 -18.83
N ASP A 616 1.13 25.89 -18.14
CA ASP A 616 0.75 25.59 -16.77
C ASP A 616 1.22 26.69 -15.83
N ALA A 617 0.71 26.64 -14.59
CA ALA A 617 0.92 27.71 -13.62
C ALA A 617 2.35 27.79 -13.10
N GLU A 618 3.22 26.85 -13.47
CA GLU A 618 4.60 26.85 -13.00
C GLU A 618 5.60 27.14 -14.12
N GLY A 619 5.14 27.74 -15.21
CA GLY A 619 6.02 28.18 -16.27
C GLY A 619 6.29 27.17 -17.36
N GLY A 620 5.76 25.96 -17.24
CA GLY A 620 5.95 24.96 -18.28
C GLY A 620 5.03 25.18 -19.48
N GLU A 621 5.47 24.67 -20.63
CA GLU A 621 4.74 24.81 -21.88
C GLU A 621 4.62 23.44 -22.55
N THR A 622 3.39 23.01 -22.80
CA THR A 622 3.11 21.75 -23.47
C THR A 622 2.34 22.03 -24.75
N ARG A 623 2.82 21.50 -25.87
CA ARG A 623 2.18 21.67 -27.16
C ARG A 623 1.60 20.34 -27.63
N TYR A 624 0.34 20.37 -28.08
CA TYR A 624 -0.33 19.20 -28.61
C TYR A 624 -0.72 19.43 -30.06
N TRP A 625 -0.45 18.45 -30.92
CA TRP A 625 -0.92 18.44 -32.29
C TRP A 625 -2.01 17.39 -32.42
N TYR A 626 -3.17 17.78 -32.92
CA TYR A 626 -4.32 16.89 -33.00
C TYR A 626 -4.77 16.71 -34.44
N ASN A 627 -5.59 15.68 -34.67
CA ASN A 627 -6.08 15.36 -36.00
C ASN A 627 -7.51 15.86 -36.16
N GLY A 628 -8.15 15.45 -37.27
CA GLY A 628 -9.51 15.87 -37.56
C GLY A 628 -10.53 15.43 -36.51
N ASP A 629 -10.24 14.35 -35.79
CA ASP A 629 -11.13 13.86 -34.75
C ASP A 629 -10.80 14.42 -33.38
N GLY A 630 -9.91 15.41 -33.30
CA GLY A 630 -9.50 15.97 -32.03
C GLY A 630 -8.59 15.10 -31.19
N LEU A 631 -8.05 14.03 -31.76
CA LEU A 631 -7.14 13.14 -31.05
C LEU A 631 -5.70 13.56 -31.29
N VAL A 632 -4.90 13.52 -30.23
CA VAL A 632 -3.53 14.02 -30.29
C VAL A 632 -2.66 13.02 -31.03
N THR A 633 -1.98 13.50 -32.07
CA THR A 633 -1.01 12.69 -32.81
C THR A 633 0.44 12.97 -32.38
N ARG A 634 0.67 14.04 -31.62
CA ARG A 634 2.02 14.44 -31.24
C ARG A 634 1.97 15.48 -30.13
N SER A 635 2.78 15.28 -29.09
CA SER A 635 2.89 16.23 -27.99
C SER A 635 4.35 16.42 -27.64
N ILE A 636 4.67 17.62 -27.16
CA ILE A 636 6.01 17.96 -26.69
C ILE A 636 5.87 18.56 -25.30
N ASP A 637 6.44 17.89 -24.29
CA ASP A 637 6.23 18.26 -22.90
C ASP A 637 7.10 19.47 -22.55
N PRO A 638 6.92 20.04 -21.34
CA PRO A 638 7.72 21.24 -20.97
C PRO A 638 9.22 21.07 -21.05
N LEU A 639 9.75 19.84 -21.12
CA LEU A 639 11.19 19.63 -21.27
C LEU A 639 11.60 19.27 -22.69
N GLY A 640 10.69 19.40 -23.65
CA GLY A 640 11.01 19.10 -25.03
C GLY A 640 10.87 17.65 -25.43
N ARG A 641 10.43 16.78 -24.52
CA ARG A 641 10.31 15.36 -24.82
C ARG A 641 9.03 15.10 -25.62
N GLU A 642 9.18 14.35 -26.71
CA GLU A 642 8.12 14.19 -27.70
C GLU A 642 7.52 12.79 -27.63
N GLU A 643 6.20 12.71 -27.83
CA GLU A 643 5.51 11.44 -27.94
C GLU A 643 4.51 11.53 -29.08
N THR A 644 4.53 10.55 -29.98
CA THR A 644 3.63 10.52 -31.11
C THR A 644 2.67 9.33 -31.00
N SER A 645 1.51 9.47 -31.65
CA SER A 645 0.49 8.44 -31.67
C SER A 645 -0.11 8.37 -33.05
N VAL A 646 -0.42 7.15 -33.50
CA VAL A 646 -1.06 6.91 -34.79
C VAL A 646 -2.49 6.46 -34.53
N TRP A 647 -3.46 7.17 -35.10
CA TRP A 647 -4.86 6.85 -34.96
C TRP A 647 -5.42 6.37 -36.30
N GLU A 648 -6.42 5.51 -36.22
CA GLU A 648 -7.11 4.97 -37.39
C GLU A 648 -8.60 5.02 -37.10
N ASN A 649 -9.26 6.09 -37.52
CA ASN A 649 -10.69 6.28 -37.34
C ASN A 649 -11.07 6.13 -35.87
N THR A 650 -10.47 6.99 -35.04
CA THR A 650 -10.63 7.06 -33.59
C THR A 650 -10.08 5.84 -32.87
N ARG A 651 -9.46 4.89 -33.58
CA ARG A 651 -8.91 3.69 -32.97
C ARG A 651 -7.40 3.82 -32.89
N LEU A 652 -6.85 3.68 -31.69
CA LEU A 652 -5.41 3.82 -31.48
C LEU A 652 -4.68 2.62 -32.04
N ARG A 653 -3.69 2.86 -32.91
CA ARG A 653 -2.93 1.78 -33.51
C ARG A 653 -1.50 1.67 -32.97
N SER A 654 -0.89 2.78 -32.55
CA SER A 654 0.46 2.72 -32.02
C SER A 654 0.73 3.97 -31.22
N ARG A 655 1.79 3.89 -30.40
CA ARG A 655 2.25 5.03 -29.61
C ARG A 655 3.74 4.86 -29.36
N THR A 656 4.49 5.94 -29.54
CA THR A 656 5.95 5.92 -29.43
C THR A 656 6.38 7.02 -28.47
N ASP A 657 7.18 6.65 -27.46
CA ASP A 657 7.57 7.58 -26.42
C ASP A 657 8.83 8.34 -26.84
N ALA A 658 9.37 9.14 -25.92
CA ALA A 658 10.54 9.95 -26.24
C ALA A 658 11.80 9.13 -26.48
N LEU A 659 11.86 7.91 -25.95
CA LEU A 659 12.99 7.03 -26.22
C LEU A 659 12.89 6.31 -27.55
N GLY A 660 11.76 6.42 -28.24
CA GLY A 660 11.55 5.69 -29.48
C GLY A 660 10.90 4.34 -29.30
N ARG A 661 10.53 3.96 -28.08
CA ARG A 661 9.88 2.69 -27.84
C ARG A 661 8.43 2.77 -28.27
N THR A 662 8.00 1.80 -29.09
CA THR A 662 6.68 1.81 -29.69
C THR A 662 5.83 0.66 -29.15
N THR A 663 4.58 0.96 -28.83
CA THR A 663 3.59 -0.04 -28.45
C THR A 663 2.50 -0.05 -29.52
N ALA A 664 2.26 -1.21 -30.11
CA ALA A 664 1.34 -1.36 -31.23
C ALA A 664 0.11 -2.16 -30.80
N TYR A 665 -1.03 -1.85 -31.44
CA TYR A 665 -2.31 -2.47 -31.12
C TYR A 665 -2.95 -2.98 -32.40
N ASP A 666 -3.20 -4.28 -32.47
CA ASP A 666 -3.98 -4.88 -33.54
C ASP A 666 -5.38 -5.23 -33.02
N TYR A 667 -6.32 -5.36 -33.95
CA TYR A 667 -7.72 -5.55 -33.60
C TYR A 667 -8.33 -6.65 -34.46
N ASN A 668 -9.32 -7.34 -33.90
CA ASN A 668 -10.02 -8.39 -34.62
C ASN A 668 -11.21 -7.80 -35.38
N ASN A 669 -11.95 -8.66 -36.07
CA ASN A 669 -13.07 -8.22 -36.90
C ASN A 669 -14.26 -7.72 -36.09
N GLU A 670 -14.21 -7.79 -34.76
CA GLU A 670 -15.31 -7.35 -33.93
C GLU A 670 -15.00 -6.09 -33.14
N GLY A 671 -13.80 -5.52 -33.29
CA GLY A 671 -13.45 -4.26 -32.67
C GLY A 671 -12.67 -4.37 -31.38
N GLU A 672 -12.41 -5.57 -30.88
CA GLU A 672 -11.62 -5.73 -29.67
C GLU A 672 -10.14 -5.80 -30.00
N ILE A 673 -9.31 -5.39 -29.03
CA ILE A 673 -7.87 -5.57 -29.17
C ILE A 673 -7.55 -7.06 -29.24
N SER A 674 -6.91 -7.47 -30.32
CA SER A 674 -6.49 -8.86 -30.47
C SER A 674 -5.02 -9.08 -30.17
N ARG A 675 -4.19 -8.04 -30.29
CA ARG A 675 -2.75 -8.18 -30.08
C ARG A 675 -2.17 -6.86 -29.61
N VAL A 676 -1.33 -6.93 -28.58
CA VAL A 676 -0.56 -5.78 -28.10
C VAL A 676 0.91 -6.12 -28.25
N SER A 677 1.64 -5.29 -29.01
CA SER A 677 3.07 -5.47 -29.23
C SER A 677 3.82 -4.48 -28.35
N LEU A 678 4.53 -4.99 -27.34
CA LEU A 678 5.21 -4.21 -26.33
C LEU A 678 6.68 -3.99 -26.69
N PRO A 679 7.28 -2.90 -26.20
CA PRO A 679 8.72 -2.71 -26.39
C PRO A 679 9.51 -3.85 -25.78
N GLY A 680 10.42 -4.42 -26.57
CA GLY A 680 11.21 -5.54 -26.14
C GLY A 680 10.85 -6.86 -26.81
N GLY A 681 9.98 -6.84 -27.81
CA GLY A 681 9.61 -8.04 -28.52
C GLY A 681 8.48 -8.85 -27.92
N TYR A 682 7.92 -8.40 -26.80
CA TYR A 682 6.85 -9.14 -26.13
C TYR A 682 5.51 -8.80 -26.75
N SER A 683 4.69 -9.83 -26.99
CA SER A 683 3.34 -9.65 -27.51
C SER A 683 2.34 -10.34 -26.60
N LEU A 684 1.18 -9.71 -26.44
CA LEU A 684 0.05 -10.27 -25.71
C LEU A 684 -1.11 -10.46 -26.67
N TYR A 685 -1.68 -11.66 -26.69
CA TYR A 685 -2.77 -12.01 -27.59
C TYR A 685 -4.06 -12.19 -26.80
N TYR A 686 -5.17 -11.71 -27.39
CA TYR A 686 -6.47 -11.74 -26.74
C TYR A 686 -7.48 -12.41 -27.66
N ASP A 687 -8.15 -13.44 -27.16
CA ASP A 687 -9.20 -14.13 -27.89
C ASP A 687 -10.50 -14.05 -27.11
N TYR A 688 -11.62 -13.99 -27.83
CA TYR A 688 -12.92 -13.72 -27.24
C TYR A 688 -13.94 -14.72 -27.76
N ASN A 689 -15.06 -14.82 -27.04
CA ASN A 689 -16.20 -15.60 -27.53
C ASN A 689 -17.08 -14.71 -28.39
N GLU A 690 -18.18 -15.28 -28.90
CA GLU A 690 -19.03 -14.55 -29.83
C GLU A 690 -19.68 -13.32 -29.19
N HIS A 691 -19.70 -13.23 -27.85
CA HIS A 691 -20.29 -12.09 -27.16
C HIS A 691 -19.25 -11.05 -26.72
N GLY A 692 -17.99 -11.23 -27.11
CA GLY A 692 -16.97 -10.27 -26.72
C GLY A 692 -16.39 -10.46 -25.34
N GLN A 693 -16.54 -11.65 -24.75
CA GLN A 693 -15.96 -11.95 -23.46
C GLN A 693 -14.60 -12.60 -23.64
N LEU A 694 -13.61 -12.13 -22.90
CA LEU A 694 -12.25 -12.65 -23.04
C LEU A 694 -12.21 -14.11 -22.64
N THR A 695 -11.74 -14.96 -23.54
CA THR A 695 -11.65 -16.39 -23.30
C THR A 695 -10.22 -16.92 -23.24
N ARG A 696 -9.24 -16.16 -23.74
CA ARG A 696 -7.85 -16.62 -23.72
C ARG A 696 -6.91 -15.41 -23.74
N LEU A 697 -5.89 -15.47 -22.89
CA LEU A 697 -4.81 -14.48 -22.87
C LEU A 697 -3.49 -15.23 -23.01
N SER A 698 -2.74 -14.91 -24.06
CA SER A 698 -1.46 -15.55 -24.33
C SER A 698 -0.34 -14.54 -24.12
N ALA A 699 0.57 -14.86 -23.22
CA ALA A 699 1.66 -13.99 -22.83
C ALA A 699 2.99 -14.66 -23.13
N PRO A 700 4.09 -13.91 -23.16
CA PRO A 700 5.41 -14.52 -23.37
C PRO A 700 5.74 -15.55 -22.30
N GLY A 701 6.73 -16.37 -22.59
CA GLY A 701 7.01 -17.50 -21.72
C GLY A 701 5.96 -18.58 -21.82
N ASN A 702 5.13 -18.54 -22.86
CA ASN A 702 4.08 -19.53 -23.08
C ASN A 702 3.15 -19.60 -21.87
N GLN A 703 2.72 -18.43 -21.40
CA GLN A 703 1.79 -18.30 -20.29
C GLN A 703 0.40 -18.03 -20.86
N VAL A 704 -0.54 -18.94 -20.62
CA VAL A 704 -1.86 -18.88 -21.23
C VAL A 704 -2.92 -19.00 -20.14
N TRP A 705 -3.89 -18.09 -20.15
CA TRP A 705 -5.07 -18.14 -19.29
C TRP A 705 -6.29 -18.48 -20.14
N LEU A 706 -7.17 -19.34 -19.62
CA LEU A 706 -8.39 -19.75 -20.30
C LEU A 706 -9.60 -19.45 -19.41
N TRP A 707 -10.60 -18.79 -19.99
CA TRP A 707 -11.86 -18.51 -19.32
C TRP A 707 -13.00 -19.21 -20.05
N GLU A 708 -13.86 -19.89 -19.29
CA GLU A 708 -15.02 -20.57 -19.84
C GLU A 708 -16.30 -19.95 -19.30
N TYR A 709 -17.29 -19.76 -20.17
CA TYR A 709 -18.53 -19.11 -19.83
C TYR A 709 -19.71 -20.02 -20.13
N ASP A 710 -20.75 -19.93 -19.30
CA ASP A 710 -21.97 -20.67 -19.53
C ASP A 710 -22.89 -19.88 -20.45
N GLY A 711 -24.14 -20.33 -20.59
CA GLY A 711 -25.06 -19.71 -21.51
C GLY A 711 -25.51 -18.31 -21.15
N LYS A 712 -25.18 -17.84 -19.95
CA LYS A 712 -25.56 -16.50 -19.51
C LYS A 712 -24.37 -15.57 -19.35
N GLY A 713 -23.17 -16.00 -19.77
CA GLY A 713 -21.99 -15.18 -19.63
C GLY A 713 -21.30 -15.28 -18.28
N SER A 714 -21.72 -16.19 -17.41
CA SER A 714 -21.04 -16.37 -16.14
C SER A 714 -19.72 -17.09 -16.36
N MET A 715 -18.67 -16.61 -15.71
CA MET A 715 -17.35 -17.21 -15.85
C MET A 715 -17.27 -18.41 -14.91
N VAL A 716 -17.47 -19.61 -15.45
CA VAL A 716 -17.61 -20.80 -14.64
C VAL A 716 -16.30 -21.54 -14.39
N CYS A 717 -15.27 -21.32 -15.21
CA CYS A 717 -14.02 -22.06 -15.07
C CYS A 717 -12.88 -21.21 -15.58
N LEU A 718 -11.85 -21.04 -14.74
CA LEU A 718 -10.62 -20.35 -15.10
C LEU A 718 -9.46 -21.32 -15.02
N THR A 719 -8.65 -21.38 -16.07
CA THR A 719 -7.48 -22.24 -16.12
C THR A 719 -6.22 -21.36 -16.16
N ASP A 720 -5.36 -21.52 -15.17
CA ASP A 720 -4.15 -20.71 -15.08
C ASP A 720 -3.06 -21.28 -16.00
N PRO A 721 -1.91 -20.58 -16.14
CA PRO A 721 -0.87 -21.09 -17.04
C PRO A 721 -0.35 -22.47 -16.71
N GLN A 722 -0.46 -22.92 -15.46
CA GLN A 722 0.01 -24.25 -15.09
C GLN A 722 -1.06 -25.32 -15.28
N GLY A 723 -2.17 -24.99 -15.95
CA GLY A 723 -3.24 -25.94 -16.16
C GLY A 723 -4.17 -26.16 -14.98
N ARG A 724 -3.95 -25.46 -13.87
CA ARG A 724 -4.82 -25.58 -12.71
C ARG A 724 -6.13 -24.84 -12.96
N GLN A 725 -7.23 -25.43 -12.50
CA GLN A 725 -8.56 -24.96 -12.80
C GLN A 725 -9.26 -24.49 -11.54
N GLN A 726 -9.99 -23.38 -11.67
CA GLN A 726 -10.83 -22.83 -10.61
C GLN A 726 -12.26 -22.83 -11.12
N GLN A 727 -13.15 -23.49 -10.38
CA GLN A 727 -14.54 -23.64 -10.79
C GLN A 727 -15.41 -22.65 -10.02
N PHE A 728 -16.30 -21.97 -10.73
CA PHE A 728 -17.18 -20.97 -10.14
C PHE A 728 -18.62 -21.34 -10.42
N SER A 729 -19.46 -21.28 -9.39
CA SER A 729 -20.86 -21.68 -9.48
C SER A 729 -21.74 -20.49 -9.11
N TYR A 730 -22.76 -20.24 -9.93
CA TYR A 730 -23.54 -19.02 -9.83
C TYR A 730 -25.02 -19.32 -9.62
N SER A 731 -25.72 -18.32 -9.08
CA SER A 731 -27.18 -18.38 -8.99
C SER A 731 -27.81 -17.94 -10.30
N GLU A 732 -29.13 -18.06 -10.38
CA GLU A 732 -29.85 -17.75 -11.59
C GLU A 732 -29.83 -16.26 -11.91
N HIS A 733 -29.62 -15.42 -10.90
CA HIS A 733 -29.57 -13.98 -11.11
C HIS A 733 -28.15 -13.42 -11.09
N GLY A 734 -27.16 -14.30 -11.23
CA GLY A 734 -25.78 -13.88 -11.43
C GLY A 734 -24.90 -13.88 -10.19
N ASP A 735 -25.45 -14.21 -9.02
CA ASP A 735 -24.64 -14.20 -7.80
C ASP A 735 -23.62 -15.31 -7.82
N LEU A 736 -22.38 -14.98 -7.45
CA LEU A 736 -21.35 -15.99 -7.26
C LEU A 736 -21.60 -16.71 -5.94
N LEU A 737 -21.89 -18.00 -6.01
CA LEU A 737 -22.23 -18.77 -4.82
C LEU A 737 -21.10 -19.63 -4.31
N ARG A 738 -20.24 -20.14 -5.18
CA ARG A 738 -19.22 -21.10 -4.77
C ARG A 738 -18.00 -20.98 -5.68
N GLN A 739 -16.83 -21.19 -5.08
CA GLN A 739 -15.57 -21.23 -5.81
C GLN A 739 -14.75 -22.39 -5.28
N ILE A 740 -14.27 -23.24 -6.18
CA ILE A 740 -13.45 -24.40 -5.82
C ILE A 740 -12.05 -24.17 -6.37
N MET A 741 -11.06 -24.16 -5.47
CA MET A 741 -9.67 -23.97 -5.84
C MET A 741 -9.07 -25.27 -6.38
N PRO A 742 -7.90 -25.21 -7.02
CA PRO A 742 -7.28 -26.45 -7.51
C PRO A 742 -7.09 -27.54 -6.46
N ASN A 743 -6.70 -27.18 -5.24
CA ASN A 743 -6.48 -28.17 -4.19
C ASN A 743 -7.76 -28.64 -3.52
N GLY A 744 -8.92 -28.18 -3.98
CA GLY A 744 -10.18 -28.56 -3.41
C GLY A 744 -10.77 -27.59 -2.42
N ALA A 745 -10.03 -26.55 -2.04
CA ALA A 745 -10.54 -25.55 -1.11
C ALA A 745 -11.78 -24.88 -1.69
N THR A 746 -12.86 -24.85 -0.90
CA THR A 746 -14.16 -24.41 -1.37
C THR A 746 -14.62 -23.20 -0.56
N TRP A 747 -14.93 -22.11 -1.27
CA TRP A 747 -15.52 -20.92 -0.68
C TRP A 747 -16.98 -20.82 -1.08
N ARG A 748 -17.81 -20.31 -0.16
CA ARG A 748 -19.24 -20.16 -0.40
C ARG A 748 -19.70 -18.78 0.04
N TRP A 749 -20.70 -18.24 -0.67
CA TRP A 749 -21.23 -16.92 -0.38
C TRP A 749 -22.76 -16.93 -0.49
N SER A 750 -23.41 -16.23 0.43
CA SER A 750 -24.82 -15.90 0.31
C SER A 750 -24.98 -14.38 0.32
N HIS A 751 -26.16 -13.90 -0.09
CA HIS A 751 -26.32 -12.49 -0.37
C HIS A 751 -27.63 -11.96 0.20
N ASP A 752 -27.66 -10.64 0.43
CA ASP A 752 -28.83 -9.98 0.99
C ASP A 752 -29.78 -9.56 -0.15
N ALA A 753 -30.79 -8.76 0.19
CA ALA A 753 -31.77 -8.36 -0.81
C ALA A 753 -31.16 -7.51 -1.92
N LEU A 754 -30.07 -6.79 -1.64
CA LEU A 754 -29.38 -6.01 -2.65
C LEU A 754 -28.23 -6.77 -3.29
N HIS A 755 -28.18 -8.08 -3.13
CA HIS A 755 -27.16 -8.95 -3.73
C HIS A 755 -25.74 -8.62 -3.25
N GLN A 756 -25.63 -7.91 -2.14
CA GLN A 756 -24.35 -7.78 -1.46
C GLN A 756 -24.11 -8.99 -0.57
N VAL A 757 -22.85 -9.40 -0.46
CA VAL A 757 -22.52 -10.58 0.33
C VAL A 757 -22.88 -10.34 1.78
N ARG A 758 -23.64 -11.28 2.37
CA ARG A 758 -23.98 -11.23 3.78
C ARG A 758 -23.40 -12.36 4.60
N ALA A 759 -22.93 -13.44 3.96
CA ALA A 759 -22.28 -14.52 4.68
C ALA A 759 -21.26 -15.17 3.76
N THR A 760 -20.07 -15.44 4.30
CA THR A 760 -18.99 -16.10 3.59
C THR A 760 -18.55 -17.31 4.40
N THR A 761 -18.53 -18.49 3.77
CA THR A 761 -18.05 -19.70 4.41
C THR A 761 -16.67 -20.03 3.85
N ALA A 762 -15.68 -20.05 4.73
CA ALA A 762 -14.30 -20.34 4.36
C ALA A 762 -14.13 -21.84 4.11
N PRO A 763 -13.02 -22.27 3.51
CA PRO A 763 -12.81 -23.71 3.29
C PRO A 763 -12.89 -24.56 4.55
N ASP A 764 -12.57 -24.00 5.71
CA ASP A 764 -12.61 -24.74 6.96
C ASP A 764 -13.99 -24.71 7.62
N GLY A 765 -14.98 -24.12 6.95
CA GLY A 765 -16.32 -24.05 7.48
C GLY A 765 -16.62 -22.84 8.34
N GLY A 766 -15.62 -22.02 8.64
CA GLY A 766 -15.87 -20.80 9.38
C GLY A 766 -16.69 -19.82 8.56
N VAL A 767 -17.66 -19.19 9.23
CA VAL A 767 -18.63 -18.32 8.59
C VAL A 767 -18.43 -16.90 9.07
N THR A 768 -18.32 -15.96 8.12
CA THR A 768 -18.25 -14.53 8.41
C THR A 768 -19.51 -13.87 7.88
N GLN A 769 -20.24 -13.20 8.76
CA GLN A 769 -21.49 -12.53 8.43
C GLN A 769 -21.27 -11.02 8.38
N THR A 770 -21.69 -10.40 7.28
CA THR A 770 -21.62 -8.95 7.12
C THR A 770 -23.01 -8.41 6.82
N GLU A 771 -23.24 -7.17 7.23
CA GLU A 771 -24.51 -6.49 7.01
C GLU A 771 -24.24 -5.09 6.50
N GLN A 772 -24.95 -4.70 5.44
CA GLN A 772 -24.77 -3.40 4.81
C GLN A 772 -26.12 -2.75 4.57
N ASP A 773 -26.11 -1.41 4.52
CA ASP A 773 -27.34 -0.67 4.29
C ASP A 773 -27.58 -0.50 2.79
N ILE A 774 -28.63 0.25 2.42
CA ILE A 774 -29.00 0.37 1.03
C ILE A 774 -27.94 1.15 0.25
N LEU A 775 -27.18 2.00 0.92
CA LEU A 775 -26.08 2.70 0.27
C LEU A 775 -24.78 1.90 0.26
N GLY A 776 -24.80 0.66 0.74
CA GLY A 776 -23.62 -0.18 0.70
C GLY A 776 -22.62 0.05 1.83
N ARG A 777 -22.97 0.84 2.83
CA ARG A 777 -22.07 1.06 3.95
C ARG A 777 -22.13 -0.11 4.91
N LEU A 778 -20.97 -0.50 5.43
CA LEU A 778 -20.89 -1.64 6.34
C LEU A 778 -21.56 -1.29 7.66
N LEU A 779 -22.45 -2.17 8.12
CA LEU A 779 -23.16 -1.98 9.39
C LEU A 779 -22.66 -2.88 10.50
N SER A 780 -22.36 -4.15 10.21
CA SER A 780 -21.84 -5.05 11.23
C SER A 780 -21.04 -6.16 10.58
N VAL A 781 -20.14 -6.76 11.36
CA VAL A 781 -19.33 -7.89 10.95
C VAL A 781 -19.23 -8.87 12.13
N LYS A 782 -19.66 -10.10 11.92
CA LYS A 782 -19.55 -11.16 12.91
C LYS A 782 -18.59 -12.22 12.37
N ASP A 783 -17.49 -12.45 13.08
CA ASP A 783 -16.41 -13.30 12.59
C ASP A 783 -16.74 -14.76 12.85
N PRO A 784 -15.92 -15.69 12.32
CA PRO A 784 -16.21 -17.13 12.52
C PRO A 784 -16.31 -17.56 13.97
N LEU A 785 -15.81 -16.78 14.92
CA LEU A 785 -15.93 -17.11 16.33
C LEU A 785 -17.03 -16.32 17.02
N GLY A 786 -17.85 -15.59 16.26
CA GLY A 786 -19.01 -14.93 16.81
C GLY A 786 -18.79 -13.53 17.36
N TYR A 787 -17.59 -12.98 17.21
CA TYR A 787 -17.32 -11.63 17.68
C TYR A 787 -17.84 -10.61 16.68
N THR A 788 -18.55 -9.61 17.19
CA THR A 788 -19.29 -8.67 16.36
C THR A 788 -18.71 -7.27 16.48
N THR A 789 -18.45 -6.65 15.33
CA THR A 789 -18.11 -5.23 15.25
C THR A 789 -19.27 -4.49 14.59
N GLN A 790 -19.69 -3.39 15.19
CA GLN A 790 -20.82 -2.61 14.68
C GLN A 790 -20.35 -1.25 14.20
N PHE A 791 -21.06 -0.72 13.20
CA PHE A 791 -20.75 0.56 12.59
C PHE A 791 -22.02 1.39 12.52
N ARG A 792 -22.00 2.58 13.13
CA ARG A 792 -23.11 3.51 13.09
C ARG A 792 -22.69 4.80 12.39
N TYR A 793 -23.60 5.35 11.59
CA TYR A 793 -23.34 6.57 10.83
C TYR A 793 -24.43 7.59 11.14
N SER A 794 -24.04 8.85 11.27
CA SER A 794 -24.97 9.94 11.51
C SER A 794 -24.50 11.19 10.79
N LYS A 795 -25.44 11.92 10.22
CA LYS A 795 -25.15 13.12 9.45
C LYS A 795 -25.19 14.36 10.33
N ASN A 796 -24.41 15.37 9.95
CA ASN A 796 -24.52 16.68 10.58
C ASN A 796 -25.73 17.39 10.03
N HIS A 797 -26.79 17.48 10.83
CA HIS A 797 -27.97 18.26 10.45
C HIS A 797 -27.82 19.73 10.80
N ALA A 798 -26.84 20.10 11.61
CA ALA A 798 -26.57 21.48 11.98
C ALA A 798 -25.19 21.88 11.50
N GLY A 799 -25.07 23.12 11.03
CA GLY A 799 -23.82 23.66 10.58
C GLY A 799 -23.40 23.14 9.21
N PRO A 800 -22.10 22.99 9.01
CA PRO A 800 -21.60 22.40 7.75
C PRO A 800 -22.00 20.94 7.64
N GLN A 801 -21.85 20.41 6.42
CA GLN A 801 -22.35 19.07 6.08
C GLN A 801 -21.35 17.98 6.48
N GLY A 802 -21.08 17.90 7.77
CA GLY A 802 -20.22 16.86 8.31
C GLY A 802 -20.95 15.54 8.49
N SER A 803 -20.24 14.58 9.07
CA SER A 803 -20.81 13.28 9.38
C SER A 803 -19.89 12.59 10.39
N VAL A 804 -20.46 11.63 11.11
CA VAL A 804 -19.73 10.87 12.12
C VAL A 804 -19.96 9.39 11.90
N GLU A 805 -18.88 8.60 12.02
CA GLU A 805 -18.96 7.15 11.96
C GLU A 805 -18.41 6.58 13.27
N GLU A 806 -19.22 5.80 13.97
CA GLU A 806 -18.83 5.19 15.23
C GLU A 806 -18.56 3.71 15.02
N ILE A 807 -17.46 3.22 15.60
CA ILE A 807 -17.08 1.82 15.50
C ILE A 807 -17.14 1.20 16.89
N ARG A 808 -17.92 0.12 17.01
CA ARG A 808 -18.08 -0.62 18.26
C ARG A 808 -17.42 -1.98 18.10
N ARG A 809 -16.27 -2.18 18.75
CA ARG A 809 -15.52 -3.41 18.61
C ARG A 809 -15.93 -4.41 19.68
N PRO A 810 -15.74 -5.72 19.41
CA PRO A 810 -16.26 -6.74 20.35
C PRO A 810 -15.57 -6.76 21.71
N ASP A 811 -14.50 -5.98 21.91
CA ASP A 811 -13.83 -5.90 23.20
C ASP A 811 -14.30 -4.71 24.01
N GLY A 812 -15.32 -3.98 23.54
CA GLY A 812 -15.82 -2.80 24.22
C GLY A 812 -15.24 -1.50 23.72
N VAL A 813 -14.19 -1.55 22.88
CA VAL A 813 -13.58 -0.33 22.38
C VAL A 813 -14.55 0.42 21.48
N ARG A 814 -14.64 1.73 21.68
CA ARG A 814 -15.46 2.61 20.86
C ARG A 814 -14.56 3.65 20.20
N GLU A 815 -14.65 3.75 18.87
CA GLU A 815 -13.83 4.67 18.10
C GLU A 815 -14.72 5.56 17.24
N LEU A 816 -14.27 6.78 17.01
CA LEU A 816 -15.04 7.78 16.27
C LEU A 816 -14.27 8.28 15.06
N MET A 817 -14.96 8.38 13.94
CA MET A 817 -14.39 8.78 12.65
C MET A 817 -15.28 9.87 12.08
N ARG A 818 -14.80 11.12 12.12
CA ARG A 818 -15.58 12.26 11.66
C ARG A 818 -15.12 12.69 10.27
N GLN A 819 -16.08 13.10 9.45
CA GLN A 819 -15.81 13.65 8.14
C GLN A 819 -16.22 15.11 8.08
N ASN A 820 -15.60 15.86 7.17
CA ASN A 820 -15.95 17.25 6.97
C ASN A 820 -16.99 17.37 5.85
N SER A 821 -17.32 18.61 5.48
CA SER A 821 -18.33 18.84 4.44
C SER A 821 -17.90 18.32 3.07
N GLU A 822 -16.60 18.12 2.84
CA GLU A 822 -16.12 17.53 1.61
C GLU A 822 -16.00 16.01 1.70
N LYS A 823 -16.57 15.41 2.74
CA LYS A 823 -16.56 13.95 2.94
C LYS A 823 -15.15 13.40 3.05
N LEU A 824 -14.21 14.24 3.51
CA LEU A 824 -12.84 13.86 3.80
C LEU A 824 -12.67 13.64 5.30
N PRO A 825 -11.74 12.79 5.71
CA PRO A 825 -11.52 12.57 7.16
C PRO A 825 -11.15 13.86 7.86
N GLU A 826 -11.95 14.23 8.85
CA GLU A 826 -11.66 15.40 9.66
C GLU A 826 -10.94 15.07 10.96
N SER A 827 -11.30 13.97 11.61
CA SER A 827 -10.65 13.60 12.85
C SER A 827 -10.91 12.12 13.13
N PHE A 828 -10.03 11.54 13.96
CA PHE A 828 -10.18 10.18 14.46
C PHE A 828 -9.91 10.18 15.96
N THR A 829 -10.84 9.61 16.72
CA THR A 829 -10.70 9.49 18.16
C THR A 829 -10.65 7.99 18.50
N ASP A 830 -9.58 7.57 19.18
CA ASP A 830 -9.38 6.15 19.46
C ASP A 830 -10.14 5.77 20.74
N GLY A 831 -9.97 4.53 21.21
CA GLY A 831 -10.70 4.04 22.35
C GLY A 831 -10.33 4.67 23.68
N GLU A 832 -9.26 5.47 23.72
CA GLU A 832 -8.84 6.13 24.95
C GLU A 832 -9.09 7.63 24.93
N GLY A 833 -9.69 8.16 23.86
CA GLY A 833 -10.06 9.55 23.79
C GLY A 833 -9.06 10.45 23.09
N ASN A 834 -7.96 9.91 22.58
CA ASN A 834 -6.98 10.72 21.87
C ASN A 834 -7.43 10.95 20.43
N THR A 835 -7.38 12.20 20.00
CA THR A 835 -7.97 12.63 18.74
C THR A 835 -6.91 13.22 17.82
N THR A 836 -6.81 12.68 16.61
CA THR A 836 -5.99 13.24 15.55
C THR A 836 -6.90 14.00 14.59
N ARG A 837 -6.47 15.18 14.16
CA ARG A 837 -7.29 16.04 13.31
C ARG A 837 -6.57 16.33 12.00
N TYR A 838 -7.36 16.61 10.97
CA TYR A 838 -6.86 16.84 9.62
C TYR A 838 -7.48 18.10 9.02
N GLU A 839 -6.67 18.87 8.30
CA GLU A 839 -7.12 20.09 7.65
C GLU A 839 -6.73 20.06 6.19
N TYR A 840 -7.56 20.68 5.35
CA TYR A 840 -7.40 20.60 3.91
C TYR A 840 -7.48 21.99 3.30
N GLY A 841 -6.82 22.14 2.14
CA GLY A 841 -6.97 23.29 1.30
C GLY A 841 -7.82 22.99 0.08
N ALA A 842 -7.64 23.81 -0.95
CA ALA A 842 -8.34 23.59 -2.20
C ALA A 842 -7.92 22.27 -2.83
N PHE A 843 -8.82 21.69 -3.62
CA PHE A 843 -8.58 20.42 -4.30
C PHE A 843 -8.26 19.29 -3.31
N ASP A 844 -8.77 19.40 -2.09
CA ASP A 844 -8.68 18.32 -1.09
C ASP A 844 -7.24 17.99 -0.72
N LEU A 845 -6.33 18.96 -0.87
CA LEU A 845 -4.95 18.75 -0.49
C LEU A 845 -4.81 18.75 1.04
N LEU A 846 -4.16 17.71 1.56
CA LEU A 846 -3.86 17.67 3.00
C LEU A 846 -2.86 18.77 3.34
N THR A 847 -3.28 19.72 4.16
CA THR A 847 -2.41 20.83 4.54
C THR A 847 -1.95 20.78 5.98
N ALA A 848 -2.60 19.99 6.83
CA ALA A 848 -2.17 19.92 8.22
C ALA A 848 -2.66 18.62 8.84
N VAL A 849 -1.85 18.08 9.76
CA VAL A 849 -2.23 17.00 10.64
C VAL A 849 -1.91 17.44 12.07
N ILE A 850 -2.90 17.40 12.94
CA ILE A 850 -2.73 17.78 14.34
C ILE A 850 -2.76 16.51 15.18
N ARG A 851 -1.62 16.16 15.77
CA ARG A 851 -1.49 14.96 16.57
C ARG A 851 -2.32 15.07 17.85
N PRO A 852 -2.57 13.94 18.52
CA PRO A 852 -3.34 13.99 19.78
C PRO A 852 -2.72 14.86 20.86
N ASP A 853 -1.40 15.09 20.83
CA ASP A 853 -0.79 15.98 21.81
C ASP A 853 -0.94 17.46 21.43
N GLY A 854 -1.59 17.76 20.32
CA GLY A 854 -1.80 19.14 19.91
C GLY A 854 -0.79 19.70 18.94
N GLU A 855 0.26 18.96 18.60
CA GLU A 855 1.29 19.47 17.70
C GLU A 855 0.85 19.36 16.25
N ARG A 856 1.36 20.28 15.42
CA ARG A 856 0.97 20.39 14.01
C ARG A 856 2.06 19.83 13.11
N LEU A 857 1.62 19.16 12.04
CA LEU A 857 2.47 18.82 10.91
C LEU A 857 1.82 19.44 9.68
N ALA A 858 2.58 20.26 8.96
CA ALA A 858 2.01 21.06 7.87
C ALA A 858 2.63 20.66 6.54
N CYS A 859 1.83 20.84 5.47
CA CYS A 859 2.27 20.58 4.11
C CYS A 859 1.87 21.75 3.23
N ARG A 860 2.75 22.11 2.29
CA ARG A 860 2.47 23.16 1.32
C ARG A 860 2.79 22.66 -0.08
N TYR A 861 2.08 23.22 -1.07
CA TYR A 861 2.14 22.74 -2.43
C TYR A 861 2.35 23.89 -3.39
N ASP A 862 2.84 23.58 -4.59
CA ASP A 862 3.01 24.59 -5.61
C ASP A 862 1.72 24.74 -6.41
N LYS A 863 1.74 25.63 -7.40
CA LYS A 863 0.52 25.99 -8.11
C LYS A 863 -0.02 24.86 -8.98
N LEU A 864 0.70 23.73 -9.08
CA LEU A 864 0.19 22.53 -9.73
C LEU A 864 -0.09 21.42 -8.72
N THR A 865 -0.17 21.76 -7.43
CA THR A 865 -0.50 20.87 -6.32
C THR A 865 0.58 19.82 -6.05
N ARG A 866 1.82 20.07 -6.47
CA ARG A 866 2.92 19.18 -6.11
C ARG A 866 3.49 19.58 -4.75
N LEU A 867 3.73 18.59 -3.89
CA LEU A 867 4.22 18.85 -2.55
C LEU A 867 5.62 19.45 -2.60
N THR A 868 5.77 20.63 -1.99
CA THR A 868 7.05 21.32 -1.99
C THR A 868 7.64 21.56 -0.61
N GLU A 869 6.86 21.38 0.47
CA GLU A 869 7.36 21.66 1.80
C GLU A 869 6.56 20.90 2.85
N ILE A 870 7.27 20.25 3.78
CA ILE A 870 6.66 19.64 4.96
C ILE A 870 7.29 20.29 6.18
N THR A 871 6.46 20.68 7.15
CA THR A 871 6.93 21.29 8.39
C THR A 871 6.57 20.36 9.54
N ASN A 872 7.57 19.92 10.29
CA ASN A 872 7.33 19.00 11.39
C ASN A 872 6.92 19.77 12.65
N ALA A 873 6.63 19.02 13.72
CA ALA A 873 6.18 19.65 14.95
C ALA A 873 7.22 20.59 15.53
N GLU A 874 8.50 20.28 15.33
CA GLU A 874 9.56 21.17 15.82
C GLU A 874 9.52 22.52 15.11
N GLY A 875 9.07 22.53 13.85
CA GLY A 875 9.03 23.75 13.06
C GLY A 875 10.02 23.80 11.92
N GLU A 876 10.81 22.76 11.70
CA GLU A 876 11.78 22.73 10.62
C GLU A 876 11.14 22.21 9.35
N HIS A 877 11.80 22.48 8.22
CA HIS A 877 11.18 22.32 6.91
C HIS A 877 11.94 21.28 6.09
N TYR A 878 11.17 20.44 5.39
CA TYR A 878 11.66 19.50 4.40
C TYR A 878 11.14 19.98 3.05
N ARG A 879 12.05 20.29 2.14
CA ARG A 879 11.69 20.97 0.90
C ARG A 879 11.94 20.08 -0.32
N LEU A 880 11.11 20.27 -1.34
CA LEU A 880 11.20 19.51 -2.59
C LEU A 880 11.09 20.46 -3.77
N ARG A 881 11.88 20.20 -4.81
CA ARG A 881 11.93 21.05 -5.99
C ARG A 881 11.73 20.21 -7.24
N TYR A 882 11.00 20.77 -8.21
CA TYR A 882 10.63 20.07 -9.43
C TYR A 882 11.07 20.86 -10.65
N ASP A 883 11.22 20.14 -11.77
CA ASP A 883 11.47 20.79 -13.05
C ASP A 883 10.13 21.10 -13.72
N LYS A 884 10.21 21.66 -14.94
CA LYS A 884 9.00 22.10 -15.62
C LYS A 884 8.05 20.94 -15.95
N ALA A 885 8.52 19.71 -15.90
CA ALA A 885 7.70 18.55 -16.21
C ALA A 885 7.20 17.82 -14.97
N GLY A 886 7.42 18.39 -13.78
CA GLY A 886 6.95 17.75 -12.56
C GLY A 886 7.87 16.70 -11.98
N GLN A 887 9.06 16.50 -12.55
CA GLN A 887 9.99 15.54 -12.02
C GLN A 887 10.71 16.13 -10.80
N LEU A 888 10.84 15.31 -9.76
CA LEU A 888 11.52 15.73 -8.53
C LEU A 888 13.01 15.83 -8.80
N VAL A 889 13.54 17.05 -8.84
CA VAL A 889 14.96 17.25 -9.16
C VAL A 889 15.81 17.50 -7.92
N ALA A 890 15.22 17.83 -6.78
CA ALA A 890 15.99 18.09 -5.58
C ALA A 890 15.10 17.98 -4.35
N GLU A 891 15.70 17.58 -3.24
CA GLU A 891 15.03 17.64 -1.95
C GLU A 891 16.06 17.89 -0.87
N THR A 892 15.68 18.72 0.10
CA THR A 892 16.57 19.13 1.20
C THR A 892 15.89 18.81 2.51
N ASP A 893 16.49 17.93 3.31
CA ASP A 893 15.86 17.45 4.53
C ASP A 893 16.00 18.49 5.65
N PHE A 894 15.58 18.11 6.86
CA PHE A 894 15.62 19.03 7.98
C PHE A 894 17.04 19.38 8.39
N THR A 895 18.00 18.50 8.11
CA THR A 895 19.40 18.76 8.42
C THR A 895 20.07 19.66 7.39
N GLY A 896 19.35 20.10 6.36
CA GLY A 896 19.94 20.89 5.31
C GLY A 896 20.66 20.10 4.23
N ARG A 897 20.52 18.78 4.25
CA ARG A 897 21.18 17.93 3.27
C ARG A 897 20.37 17.89 1.98
N THR A 898 21.03 18.15 0.85
CA THR A 898 20.37 18.23 -0.44
C THR A 898 20.82 17.08 -1.34
N LEU A 899 19.85 16.39 -1.94
CA LEU A 899 20.11 15.42 -2.99
C LEU A 899 19.51 15.95 -4.30
N THR A 900 20.19 15.66 -5.41
CA THR A 900 19.76 16.10 -6.73
C THR A 900 19.56 14.88 -7.62
N TYR A 901 18.56 14.94 -8.50
CA TYR A 901 18.21 13.83 -9.37
C TYR A 901 18.20 14.27 -10.83
N SER A 902 18.52 13.33 -11.71
CA SER A 902 18.48 13.54 -13.16
C SER A 902 17.74 12.38 -13.81
N TYR A 903 17.00 12.69 -14.88
CA TYR A 903 16.14 11.72 -15.53
C TYR A 903 16.44 11.68 -17.02
N ASP A 904 16.10 10.55 -17.65
CA ASP A 904 16.25 10.43 -19.09
C ASP A 904 14.94 10.85 -19.76
N ALA A 905 14.85 10.66 -21.07
CA ALA A 905 13.69 11.12 -21.84
C ALA A 905 12.40 10.41 -21.46
N ALA A 906 12.45 9.30 -20.72
CA ALA A 906 11.25 8.60 -20.28
C ALA A 906 10.99 8.78 -18.79
N GLY A 907 11.66 9.73 -18.13
CA GLY A 907 11.41 9.97 -16.73
C GLY A 907 12.02 8.97 -15.78
N ARG A 908 12.96 8.16 -16.23
CA ARG A 908 13.66 7.22 -15.36
C ARG A 908 14.86 7.92 -14.74
N CYS A 909 14.97 7.81 -13.42
CA CYS A 909 16.05 8.50 -12.71
C CYS A 909 17.38 7.83 -13.03
N ILE A 910 18.29 8.58 -13.64
CA ILE A 910 19.56 8.04 -14.09
C ILE A 910 20.75 8.50 -13.25
N ARG A 911 20.60 9.56 -12.45
CA ARG A 911 21.68 10.00 -11.59
C ARG A 911 21.12 10.57 -10.30
N THR A 912 21.76 10.22 -9.19
CA THR A 912 21.53 10.86 -7.90
C THR A 912 22.84 11.45 -7.42
N THR A 913 22.83 12.74 -7.09
CA THR A 913 24.03 13.47 -6.71
C THR A 913 23.96 13.83 -5.23
N PHE A 914 25.00 13.45 -4.50
CA PHE A 914 25.11 13.64 -3.07
C PHE A 914 25.89 14.91 -2.75
N PRO A 915 25.72 15.46 -1.54
CA PRO A 915 26.42 16.71 -1.21
C PRO A 915 27.94 16.65 -1.33
N ASP A 916 28.56 15.50 -1.05
CA ASP A 916 30.00 15.43 -1.11
C ASP A 916 30.55 15.39 -2.53
N GLY A 917 29.70 15.22 -3.54
CA GLY A 917 30.12 15.20 -4.93
C GLY A 917 29.89 13.89 -5.65
N THR A 918 29.72 12.79 -4.93
CA THR A 918 29.53 11.50 -5.58
C THR A 918 28.24 11.48 -6.40
N HIS A 919 28.28 10.76 -7.51
CA HIS A 919 27.09 10.48 -8.32
C HIS A 919 26.79 8.99 -8.28
N LEU A 920 25.51 8.64 -8.26
CA LEU A 920 25.06 7.28 -8.44
C LEU A 920 24.36 7.22 -9.80
N ASN A 921 25.01 6.61 -10.78
CA ASN A 921 24.45 6.51 -12.11
C ASN A 921 23.71 5.19 -12.28
N ARG A 922 22.63 5.23 -13.06
CA ARG A 922 21.81 4.05 -13.32
C ARG A 922 21.50 3.95 -14.80
N GLN A 923 21.67 2.76 -15.35
CA GLN A 923 21.27 2.46 -16.72
C GLN A 923 20.09 1.50 -16.70
N TYR A 924 19.25 1.58 -17.73
CA TYR A 924 18.00 0.83 -17.78
C TYR A 924 17.90 0.05 -19.08
N SER A 925 17.20 -1.07 -19.02
CA SER A 925 16.86 -1.82 -20.21
C SER A 925 15.58 -1.28 -20.83
N THR A 926 15.24 -1.81 -22.01
CA THR A 926 14.01 -1.38 -22.69
C THR A 926 12.77 -1.59 -21.84
N THR A 927 12.82 -2.51 -20.87
CA THR A 927 11.69 -2.80 -20.00
C THR A 927 11.81 -2.12 -18.63
N ASP A 928 12.57 -1.04 -18.54
CA ASP A 928 12.66 -0.21 -17.34
C ASP A 928 13.25 -0.96 -16.15
N GLN A 929 14.14 -1.92 -16.40
CA GLN A 929 14.84 -2.63 -15.35
C GLN A 929 16.28 -2.14 -15.26
N VAL A 930 16.75 -1.92 -14.04
CA VAL A 930 18.11 -1.44 -13.82
C VAL A 930 19.08 -2.52 -14.26
N THR A 931 19.93 -2.20 -15.25
CA THR A 931 20.95 -3.11 -15.72
C THR A 931 22.32 -2.83 -15.15
N ARG A 932 22.59 -1.58 -14.75
CA ARG A 932 23.91 -1.20 -14.26
C ARG A 932 23.78 -0.01 -13.31
N GLU A 933 24.58 -0.03 -12.25
CA GLU A 933 24.71 1.09 -11.32
C GLU A 933 26.18 1.44 -11.15
N GLU A 934 26.47 2.73 -11.07
CA GLU A 934 27.85 3.20 -11.01
C GLU A 934 27.98 4.29 -9.96
N VAL A 935 29.15 4.34 -9.33
CA VAL A 935 29.51 5.37 -8.36
C VAL A 935 30.65 6.17 -8.96
N ALA A 936 30.41 7.45 -9.23
CA ALA A 936 31.43 8.38 -9.70
C ALA A 936 31.54 9.55 -8.73
N GLN A 937 32.62 10.30 -8.85
CA GLN A 937 32.94 11.35 -7.88
C GLN A 937 33.26 12.65 -8.59
N GLY A 938 32.45 13.69 -8.33
CA GLY A 938 32.83 15.05 -8.68
C GLY A 938 32.91 15.29 -10.17
N ASP A 939 33.90 16.10 -10.57
CA ASP A 939 34.05 16.47 -11.97
C ASP A 939 34.72 15.39 -12.80
N SER A 940 35.47 14.50 -12.16
CA SER A 940 35.96 13.30 -12.84
C SER A 940 34.82 12.29 -12.95
N ASP A 941 34.55 11.84 -14.16
CA ASP A 941 33.61 10.72 -14.34
C ASP A 941 34.29 9.38 -14.10
N ARG A 942 35.19 9.33 -13.13
CA ARG A 942 35.94 8.12 -12.80
C ARG A 942 35.05 7.17 -12.02
N VAL A 943 34.89 5.95 -12.52
CA VAL A 943 34.02 4.96 -11.89
C VAL A 943 34.74 4.38 -10.67
N LEU A 944 34.19 4.64 -9.49
CA LEU A 944 34.76 4.09 -8.27
C LEU A 944 34.29 2.67 -8.02
N SER A 945 33.10 2.32 -8.51
CA SER A 945 32.53 0.98 -8.36
C SER A 945 31.36 0.87 -9.33
N CYS A 946 31.02 -0.37 -9.67
CA CYS A 946 29.88 -0.62 -10.53
C CYS A 946 29.19 -1.91 -10.10
N THR A 947 27.87 -1.93 -10.28
CA THR A 947 27.04 -3.08 -9.96
C THR A 947 26.23 -3.44 -11.22
N THR A 948 26.24 -4.70 -11.60
CA THR A 948 25.57 -5.15 -12.80
C THR A 948 24.37 -6.04 -12.45
N PHE A 949 23.35 -5.97 -13.31
CA PHE A 949 22.15 -6.81 -13.18
C PHE A 949 21.85 -7.42 -14.54
N ILE A 950 21.79 -8.75 -14.59
CA ILE A 950 21.57 -9.50 -15.83
C ILE A 950 20.20 -10.14 -15.78
N TYR A 951 19.49 -10.12 -16.91
CA TYR A 951 18.14 -10.64 -17.02
C TYR A 951 18.07 -11.67 -18.13
N ASP A 952 17.12 -12.59 -18.03
CA ASP A 952 16.95 -13.63 -19.04
C ASP A 952 15.97 -13.15 -20.12
N ALA A 953 15.60 -14.05 -21.03
CA ALA A 953 14.74 -13.68 -22.15
C ALA A 953 13.34 -13.29 -21.70
N LEU A 954 12.95 -13.64 -20.48
CA LEU A 954 11.67 -13.22 -19.89
C LEU A 954 11.85 -12.06 -18.93
N SER A 955 12.98 -11.35 -19.01
CA SER A 955 13.25 -10.19 -18.16
C SER A 955 13.22 -10.53 -16.68
N ARG A 956 13.60 -11.76 -16.33
CA ARG A 956 13.72 -12.18 -14.94
C ARG A 956 15.18 -12.06 -14.50
N LEU A 957 15.39 -11.44 -13.35
CA LEU A 957 16.75 -11.22 -12.84
C LEU A 957 17.43 -12.55 -12.56
N THR A 958 18.53 -12.80 -13.27
CA THR A 958 19.30 -14.03 -13.08
C THR A 958 20.62 -13.83 -12.38
N GLU A 959 21.18 -12.62 -12.39
CA GLU A 959 22.45 -12.39 -11.71
C GLU A 959 22.58 -10.93 -11.32
N ALA A 960 22.96 -10.70 -10.07
CA ALA A 960 23.34 -9.38 -9.57
C ALA A 960 24.75 -9.47 -9.03
N ARG A 961 25.61 -8.55 -9.46
CA ARG A 961 27.03 -8.66 -9.18
C ARG A 961 27.60 -7.31 -8.78
N ASN A 962 28.28 -7.27 -7.65
CA ASN A 962 29.15 -6.14 -7.32
C ASN A 962 30.54 -6.67 -7.00
N ASN A 963 31.42 -5.83 -6.47
CA ASN A 963 32.77 -6.27 -6.21
C ASN A 963 32.86 -7.29 -5.08
N ASP A 964 31.85 -7.36 -4.21
CA ASP A 964 31.92 -8.20 -3.02
C ASP A 964 31.01 -9.43 -3.07
N ALA A 965 30.06 -9.49 -4.01
CA ALA A 965 29.13 -10.61 -4.01
C ALA A 965 28.53 -10.80 -5.39
N THR A 966 28.27 -12.07 -5.72
CA THR A 966 27.51 -12.44 -6.92
C THR A 966 26.29 -13.25 -6.47
N VAL A 967 25.10 -12.77 -6.86
CA VAL A 967 23.84 -13.41 -6.51
C VAL A 967 23.17 -13.86 -7.78
N THR A 968 22.85 -15.14 -7.88
CA THR A 968 22.18 -15.70 -9.05
C THR A 968 20.87 -16.35 -8.65
N TYR A 969 19.91 -16.36 -9.58
CA TYR A 969 18.59 -16.92 -9.37
C TYR A 969 18.24 -17.86 -10.50
N GLU A 970 17.61 -18.99 -10.15
CA GLU A 970 17.10 -19.95 -11.12
C GLU A 970 15.58 -20.02 -11.00
N TYR A 971 14.92 -20.26 -12.12
CA TYR A 971 13.47 -20.28 -12.19
C TYR A 971 12.99 -21.56 -12.84
N ASP A 972 11.71 -21.87 -12.63
CA ASP A 972 11.04 -22.95 -13.33
C ASP A 972 10.14 -22.34 -14.40
N ASP A 973 9.32 -23.19 -15.04
CA ASP A 973 8.45 -22.71 -16.11
C ASP A 973 7.43 -21.69 -15.60
N ALA A 974 7.05 -21.78 -14.33
CA ALA A 974 6.08 -20.86 -13.75
C ALA A 974 6.72 -19.62 -13.15
N SER A 975 7.98 -19.34 -13.50
CA SER A 975 8.73 -18.19 -13.00
C SER A 975 8.83 -18.16 -11.48
N ARG A 976 8.73 -19.32 -10.83
CA ARG A 976 8.98 -19.41 -9.39
C ARG A 976 10.47 -19.64 -9.15
N VAL A 977 11.01 -18.94 -8.15
CA VAL A 977 12.43 -19.05 -7.84
C VAL A 977 12.71 -20.44 -7.28
N THR A 978 13.54 -21.20 -7.98
CA THR A 978 13.92 -22.53 -7.53
C THR A 978 15.33 -22.60 -6.96
N ALA A 979 16.12 -21.54 -7.07
CA ALA A 979 17.45 -21.52 -6.47
C ALA A 979 17.92 -20.08 -6.32
N GLU A 980 18.41 -19.74 -5.14
CA GLU A 980 19.13 -18.50 -4.91
C GLU A 980 20.53 -18.82 -4.42
N THR A 981 21.53 -18.26 -5.08
CA THR A 981 22.94 -18.49 -4.73
C THR A 981 23.60 -17.18 -4.36
N ILE A 982 24.36 -17.19 -3.27
CA ILE A 982 25.08 -16.02 -2.80
C ILE A 982 26.53 -16.45 -2.57
N ASN A 983 27.42 -16.00 -3.46
CA ASN A 983 28.85 -16.32 -3.38
C ASN A 983 29.07 -17.83 -3.24
N GLY A 984 28.31 -18.61 -4.01
CA GLY A 984 28.47 -20.04 -4.04
C GLY A 984 27.56 -20.81 -3.09
N ARG A 985 26.97 -20.14 -2.10
CA ARG A 985 26.04 -20.79 -1.19
C ARG A 985 24.65 -20.85 -1.83
N ARG A 986 24.20 -22.07 -2.10
CA ARG A 986 23.00 -22.32 -2.88
C ARG A 986 21.86 -22.79 -1.98
N THR A 987 20.70 -22.16 -2.12
CA THR A 987 19.48 -22.62 -1.48
C THR A 987 18.48 -22.99 -2.57
N GLU A 988 17.95 -24.22 -2.52
CA GLU A 988 17.03 -24.71 -3.53
C GLU A 988 15.62 -24.81 -2.94
N TYR A 989 14.63 -24.76 -3.83
CA TYR A 989 13.24 -24.78 -3.44
C TYR A 989 12.44 -25.75 -4.31
N ASN A 990 11.46 -26.39 -3.68
CA ASN A 990 10.37 -27.07 -4.38
C ASN A 990 9.07 -26.44 -3.93
N TYR A 991 8.04 -26.57 -4.76
CA TYR A 991 6.79 -25.88 -4.52
C TYR A 991 5.63 -26.86 -4.48
N ASP A 992 4.64 -26.54 -3.65
CA ASP A 992 3.39 -27.27 -3.65
C ASP A 992 2.69 -27.05 -4.97
N PRO A 993 2.36 -28.10 -5.73
CA PRO A 993 1.81 -27.89 -7.09
C PRO A 993 0.45 -27.20 -7.10
N ASP A 994 -0.26 -27.16 -5.98
CA ASP A 994 -1.58 -26.54 -5.96
C ASP A 994 -1.60 -25.14 -5.36
N GLN A 995 -0.63 -24.79 -4.52
CA GLN A 995 -0.66 -23.51 -3.81
C GLN A 995 0.50 -22.58 -4.13
N ASP A 996 1.47 -23.00 -4.93
CA ASP A 996 2.65 -22.20 -5.26
C ASP A 996 3.45 -21.79 -4.01
N THR A 997 3.24 -22.48 -2.90
CA THR A 997 4.00 -22.24 -1.69
C THR A 997 5.22 -23.15 -1.64
N VAL A 998 6.24 -22.71 -0.90
CA VAL A 998 7.44 -23.52 -0.74
C VAL A 998 7.09 -24.78 0.03
N SER A 999 7.24 -25.93 -0.63
CA SER A 999 6.99 -27.21 0.02
C SER A 999 8.26 -27.85 0.57
N GLN A 1000 9.42 -27.48 0.03
CA GLN A 1000 10.67 -28.10 0.44
C GLN A 1000 11.82 -27.17 0.06
N ARG A 1001 12.74 -26.95 1.00
CA ARG A 1001 13.93 -26.16 0.69
C ARG A 1001 15.15 -26.85 1.30
N THR A 1002 16.28 -26.68 0.61
CA THR A 1002 17.52 -27.35 1.01
C THR A 1002 18.69 -26.40 0.87
N THR A 1003 19.56 -26.40 1.88
CA THR A 1003 20.82 -25.67 1.83
C THR A 1003 21.89 -26.54 2.45
N ALA A 1004 22.93 -26.83 1.68
CA ALA A 1004 24.06 -27.65 2.16
C ALA A 1004 23.60 -29.03 2.64
N GLY A 1005 22.69 -29.64 1.88
CA GLY A 1005 22.23 -30.97 2.21
C GLY A 1005 21.19 -31.06 3.31
N ILE A 1006 20.87 -29.95 3.97
CA ILE A 1006 19.88 -29.95 5.03
C ILE A 1006 18.54 -29.56 4.42
N THR A 1007 17.59 -30.49 4.44
CA THR A 1007 16.32 -30.35 3.75
C THR A 1007 15.20 -30.10 4.77
N GLU A 1008 14.37 -29.09 4.50
CA GLU A 1008 13.18 -28.81 5.28
C GLU A 1008 11.94 -29.13 4.46
N CYS A 1009 10.86 -29.54 5.13
CA CYS A 1009 9.62 -29.84 4.46
C CYS A 1009 8.48 -29.05 5.09
N PHE A 1010 7.73 -28.36 4.25
CA PHE A 1010 6.61 -27.52 4.66
C PHE A 1010 5.32 -28.18 4.20
N THR A 1011 4.41 -28.39 5.13
CA THR A 1011 3.08 -28.91 4.84
C THR A 1011 2.06 -27.83 5.17
N ARG A 1012 1.13 -27.59 4.25
CA ARG A 1012 0.14 -26.54 4.42
C ARG A 1012 -1.26 -27.10 4.20
N GLY A 1013 -2.24 -26.45 4.83
CA GLY A 1013 -3.63 -26.88 4.76
C GLY A 1013 -4.35 -26.27 3.59
N LEU A 1014 -5.68 -26.31 3.66
CA LEU A 1014 -6.51 -25.85 2.54
C LEU A 1014 -6.39 -24.34 2.35
N THR A 1015 -6.36 -23.58 3.45
CA THR A 1015 -6.20 -22.13 3.37
C THR A 1015 -4.77 -21.70 3.17
N GLY A 1016 -3.82 -22.63 3.18
CA GLY A 1016 -2.41 -22.28 3.11
C GLY A 1016 -1.73 -22.09 4.43
N GLU A 1017 -2.38 -22.47 5.53
CA GLU A 1017 -1.77 -22.36 6.85
C GLU A 1017 -0.75 -23.47 7.06
N LEU A 1018 0.33 -23.14 7.76
CA LEU A 1018 1.36 -24.12 8.07
C LEU A 1018 0.82 -25.15 9.05
N THR A 1019 0.79 -26.41 8.63
CA THR A 1019 0.32 -27.50 9.48
C THR A 1019 1.43 -28.42 9.98
N GLN A 1020 2.56 -28.47 9.29
CA GLN A 1020 3.67 -29.30 9.76
C GLN A 1020 4.96 -28.77 9.16
N TRP A 1021 6.04 -28.90 9.93
CA TRP A 1021 7.38 -28.52 9.51
C TRP A 1021 8.37 -29.56 10.03
N GLN A 1022 9.36 -29.89 9.21
CA GLN A 1022 10.34 -30.92 9.57
C GLN A 1022 11.66 -30.63 8.88
N ILE A 1023 12.76 -30.86 9.59
CA ILE A 1023 14.09 -30.62 9.06
C ILE A 1023 14.98 -31.84 9.34
N ASP A 1024 15.75 -32.24 8.34
CA ASP A 1024 16.89 -33.15 8.51
C ASP A 1024 16.52 -34.42 9.26
N GLY A 1025 15.31 -34.92 9.01
CA GLY A 1025 14.90 -36.15 9.66
C GLY A 1025 14.63 -36.05 11.14
N HIS A 1026 14.49 -34.84 11.67
CA HIS A 1026 14.09 -34.68 13.06
C HIS A 1026 12.58 -34.86 13.20
N THR A 1027 12.14 -35.05 14.44
CA THR A 1027 10.71 -35.15 14.72
C THR A 1027 10.01 -33.87 14.25
N PRO A 1028 8.88 -33.98 13.55
CA PRO A 1028 8.26 -32.79 12.96
C PRO A 1028 7.60 -31.90 14.01
N LEU A 1029 7.28 -30.68 13.58
CA LEU A 1029 6.51 -29.73 14.36
C LEU A 1029 5.13 -29.61 13.72
N THR A 1030 4.08 -29.91 14.48
CA THR A 1030 2.71 -29.80 14.00
C THR A 1030 2.04 -28.59 14.65
N LEU A 1031 1.16 -27.94 13.88
CA LEU A 1031 0.53 -26.69 14.30
C LEU A 1031 -0.95 -26.73 14.00
N GLU A 1032 -1.75 -26.11 14.88
CA GLU A 1032 -3.19 -26.03 14.73
C GLU A 1032 -3.62 -24.57 14.65
N HIS A 1033 -4.71 -24.32 13.93
CA HIS A 1033 -5.26 -22.98 13.78
C HIS A 1033 -6.76 -23.02 14.02
N ASP A 1034 -7.32 -21.88 14.42
CA ASP A 1034 -8.74 -21.79 14.70
C ASP A 1034 -9.49 -21.29 13.47
N LEU A 1035 -10.81 -21.12 13.63
CA LEU A 1035 -11.66 -20.72 12.52
C LEU A 1035 -11.42 -19.29 12.07
N ARG A 1036 -10.60 -18.52 12.79
CA ARG A 1036 -10.18 -17.20 12.34
C ARG A 1036 -8.77 -17.23 11.74
N GLY A 1037 -8.21 -18.41 11.54
CA GLY A 1037 -6.89 -18.55 10.95
C GLY A 1037 -5.73 -18.36 11.90
N GLN A 1038 -5.99 -18.18 13.20
CA GLN A 1038 -4.93 -17.88 14.14
C GLN A 1038 -4.42 -19.14 14.83
N GLU A 1039 -3.11 -19.21 15.01
CA GLU A 1039 -2.47 -20.40 15.55
C GLU A 1039 -2.82 -20.53 17.03
N ILE A 1040 -3.44 -21.65 17.38
CA ILE A 1040 -3.75 -21.93 18.79
C ILE A 1040 -2.73 -22.85 19.44
N SER A 1041 -1.97 -23.63 18.67
CA SER A 1041 -0.97 -24.51 19.25
C SER A 1041 0.04 -24.93 18.20
N ARG A 1042 1.28 -25.11 18.64
CA ARG A 1042 2.30 -25.82 17.89
C ARG A 1042 2.94 -26.84 18.81
N GLN A 1043 3.42 -27.94 18.22
CA GLN A 1043 3.73 -29.09 19.05
C GLN A 1043 4.74 -29.99 18.35
N SER A 1044 5.64 -30.57 19.14
CA SER A 1044 6.53 -31.63 18.69
C SER A 1044 6.41 -32.80 19.65
N GLU A 1045 6.30 -34.01 19.09
CA GLU A 1045 6.18 -35.19 19.94
C GLU A 1045 7.40 -35.41 20.82
N ALA A 1046 8.50 -34.70 20.55
CA ALA A 1046 9.66 -34.77 21.44
C ALA A 1046 9.37 -34.15 22.80
N GLY A 1047 8.47 -33.17 22.85
CA GLY A 1047 8.11 -32.56 24.12
C GLY A 1047 7.75 -31.09 24.03
N PHE A 1048 8.26 -30.39 23.02
CA PHE A 1048 7.98 -28.97 22.87
C PHE A 1048 6.50 -28.74 22.58
N SER A 1049 5.89 -27.81 23.31
CA SER A 1049 4.47 -27.52 23.19
C SER A 1049 4.22 -26.06 23.54
N LEU A 1050 3.43 -25.38 22.72
CA LEU A 1050 3.13 -23.97 22.92
C LEU A 1050 1.70 -23.70 22.51
N ARG A 1051 0.88 -23.21 23.44
CA ARG A 1051 -0.47 -22.77 23.16
C ARG A 1051 -0.53 -21.26 23.17
N GLN A 1052 -1.42 -20.71 22.34
CA GLN A 1052 -1.58 -19.26 22.22
C GLN A 1052 -3.05 -18.93 22.05
N ASN A 1053 -3.50 -17.88 22.73
CA ASN A 1053 -4.87 -17.42 22.65
C ASN A 1053 -4.90 -15.92 22.35
N TYR A 1054 -6.06 -15.45 21.88
CA TYR A 1054 -6.16 -14.12 21.30
C TYR A 1054 -7.36 -13.37 21.88
N THR A 1055 -7.34 -12.05 21.71
CA THR A 1055 -8.45 -11.21 22.15
C THR A 1055 -9.54 -11.18 21.10
N PRO A 1056 -10.70 -10.59 21.42
CA PRO A 1056 -11.77 -10.53 20.42
C PRO A 1056 -11.38 -9.85 19.12
N THR A 1057 -10.42 -8.92 19.14
CA THR A 1057 -9.98 -8.24 17.93
C THR A 1057 -8.73 -8.90 17.32
N GLY A 1058 -8.33 -10.07 17.80
CA GLY A 1058 -7.20 -10.76 17.25
C GLY A 1058 -5.87 -10.49 17.92
N MET A 1059 -5.84 -9.80 19.06
CA MET A 1059 -4.56 -9.48 19.68
C MET A 1059 -4.02 -10.76 20.29
N LEU A 1060 -2.73 -11.00 20.08
CA LEU A 1060 -2.03 -12.03 20.83
C LEU A 1060 -2.00 -11.59 22.29
N THR A 1061 -2.53 -12.44 23.19
CA THR A 1061 -2.66 -12.06 24.59
C THR A 1061 -2.27 -13.16 25.56
N GLY A 1062 -2.08 -14.39 25.12
CA GLY A 1062 -1.73 -15.48 26.01
C GLY A 1062 -0.81 -16.51 25.38
N GLN A 1063 0.13 -17.01 26.18
CA GLN A 1063 1.04 -18.08 25.77
C GLN A 1063 1.23 -19.05 26.92
N GLN A 1064 1.18 -20.34 26.61
CA GLN A 1064 1.45 -21.39 27.57
C GLN A 1064 2.37 -22.42 26.92
N ALA A 1065 3.48 -22.72 27.58
CA ALA A 1065 4.44 -23.71 27.09
C ALA A 1065 4.70 -24.74 28.17
N GLY A 1066 4.86 -25.99 27.77
CA GLY A 1066 5.11 -27.08 28.69
C GLY A 1066 3.85 -27.61 29.34
N ASP A 1067 3.94 -28.85 29.82
CA ASP A 1067 2.85 -29.58 30.46
C ASP A 1067 1.56 -29.43 29.66
N LEU A 1068 1.48 -30.16 28.54
CA LEU A 1068 0.38 -29.98 27.59
C LEU A 1068 -0.97 -30.19 28.26
N THR A 1069 -1.14 -31.31 28.97
CA THR A 1069 -2.42 -31.66 29.56
C THR A 1069 -2.50 -31.38 31.05
N GLU A 1070 -1.56 -30.60 31.59
CA GLU A 1070 -1.47 -30.35 33.03
C GLU A 1070 -1.51 -31.66 33.82
N GLN A 1071 -0.91 -32.70 33.25
CA GLN A 1071 -0.85 -34.02 33.87
C GLN A 1071 0.30 -34.15 34.86
N ASN A 1072 1.49 -33.69 34.48
CA ASN A 1072 2.70 -33.84 35.28
C ASN A 1072 3.35 -32.47 35.53
N PRO A 1073 2.75 -31.66 36.40
CA PRO A 1073 3.38 -30.36 36.75
C PRO A 1073 4.75 -30.51 37.39
N HIS A 1074 4.97 -31.60 38.13
CA HIS A 1074 6.27 -31.83 38.75
C HIS A 1074 7.36 -32.11 37.72
N TYR A 1075 7.01 -32.73 36.59
CA TYR A 1075 8.01 -33.07 35.59
C TYR A 1075 8.44 -31.85 34.80
N TRP A 1076 7.50 -30.96 34.48
CA TRP A 1076 7.79 -29.77 33.69
C TRP A 1076 8.12 -28.56 34.56
N ARG A 1077 8.44 -28.78 35.84
CA ARG A 1077 8.89 -27.68 36.69
C ARG A 1077 10.15 -27.08 36.11
N ASN A 1078 10.20 -25.74 36.06
CA ASN A 1078 11.29 -24.98 35.45
C ASN A 1078 11.39 -25.18 33.94
N ASN A 1079 10.38 -25.81 33.33
CA ASN A 1079 10.29 -25.87 31.87
C ASN A 1079 8.88 -25.55 31.40
N THR A 1080 8.20 -24.66 32.09
CA THR A 1080 6.89 -24.16 31.69
C THR A 1080 6.94 -22.65 31.51
N LEU A 1081 5.95 -22.12 30.78
CA LEU A 1081 5.83 -20.69 30.58
C LEU A 1081 4.36 -20.33 30.54
N GLN A 1082 3.96 -19.33 31.33
CA GLN A 1082 2.67 -18.69 31.19
C GLN A 1082 2.92 -17.20 31.00
N ARG A 1083 2.44 -16.67 29.88
CA ARG A 1083 2.65 -15.27 29.57
C ARG A 1083 1.32 -14.65 29.14
N GLN A 1084 1.07 -13.43 29.61
CA GLN A 1084 -0.17 -12.73 29.31
C GLN A 1084 0.15 -11.29 28.94
N TRP A 1085 -0.49 -10.81 27.88
CA TRP A 1085 -0.37 -9.43 27.43
C TRP A 1085 -1.73 -8.76 27.53
N LEU A 1086 -1.77 -7.60 28.18
CA LEU A 1086 -3.00 -6.82 28.28
C LEU A 1086 -2.80 -5.46 27.64
N TYR A 1087 -3.86 -4.94 27.04
CA TYR A 1087 -3.81 -3.70 26.27
C TYR A 1087 -4.84 -2.71 26.80
N ASP A 1088 -4.58 -1.42 26.54
CA ASP A 1088 -5.57 -0.39 26.81
C ASP A 1088 -6.54 -0.28 25.63
N LYS A 1089 -7.50 0.62 25.74
CA LYS A 1089 -8.52 0.74 24.70
C LYS A 1089 -8.00 1.38 23.41
N ALA A 1090 -6.74 1.83 23.39
CA ALA A 1090 -6.08 2.21 22.15
C ALA A 1090 -5.11 1.13 21.67
N TYR A 1091 -5.15 -0.05 22.31
CA TYR A 1091 -4.36 -1.23 21.93
C TYR A 1091 -2.87 -1.03 22.15
N ASN A 1092 -2.50 -0.20 23.13
CA ASN A 1092 -1.12 -0.14 23.59
C ASN A 1092 -0.88 -1.26 24.61
N LEU A 1093 0.26 -1.92 24.49
CA LEU A 1093 0.64 -2.93 25.48
C LEU A 1093 0.94 -2.23 26.80
N THR A 1094 0.05 -2.39 27.78
CA THR A 1094 0.21 -1.73 29.07
C THR A 1094 0.54 -2.67 30.22
N MET A 1095 0.41 -3.99 30.03
CA MET A 1095 0.75 -4.91 31.09
C MET A 1095 1.22 -6.25 30.51
N ILE A 1096 2.26 -6.81 31.12
CA ILE A 1096 2.76 -8.14 30.78
C ILE A 1096 2.87 -8.95 32.07
N SER A 1097 2.37 -10.18 32.04
CA SER A 1097 2.57 -11.15 33.11
C SER A 1097 3.38 -12.30 32.54
N ASP A 1098 4.55 -12.55 33.14
CA ASP A 1098 5.49 -13.54 32.62
C ASP A 1098 5.96 -14.41 33.78
N SER A 1099 5.62 -15.70 33.71
CA SER A 1099 5.92 -16.61 34.81
C SER A 1099 7.43 -16.77 35.06
N LEU A 1100 8.26 -16.40 34.09
CA LEU A 1100 9.71 -16.53 34.24
C LEU A 1100 10.40 -15.23 34.64
N ARG A 1101 9.76 -14.08 34.41
CA ARG A 1101 10.38 -12.79 34.63
C ARG A 1101 9.65 -11.91 35.63
N GLY A 1102 8.33 -11.97 35.68
CA GLY A 1102 7.57 -11.13 36.59
C GLY A 1102 6.47 -10.36 35.89
N THR A 1103 6.13 -9.18 36.41
CA THR A 1103 5.05 -8.37 35.88
C THR A 1103 5.60 -7.02 35.41
N MET A 1104 5.18 -6.61 34.21
CA MET A 1104 5.57 -5.34 33.62
C MET A 1104 4.33 -4.48 33.43
N VAL A 1105 4.44 -3.20 33.79
CA VAL A 1105 3.36 -2.23 33.68
C VAL A 1105 3.88 -1.01 32.94
N ASN A 1106 3.12 -0.54 31.95
CA ASN A 1106 3.53 0.57 31.10
C ASN A 1106 2.50 1.69 31.20
N SER A 1107 2.99 2.92 31.21
CA SER A 1107 2.17 4.11 31.02
C SER A 1107 2.54 4.75 29.68
N VAL A 1108 1.54 5.26 28.96
CA VAL A 1108 1.77 5.78 27.61
C VAL A 1108 1.27 7.21 27.52
N THR A 1109 1.86 7.95 26.59
CA THR A 1109 1.49 9.33 26.33
C THR A 1109 0.32 9.38 25.35
N ALA A 1110 -0.14 10.60 25.04
CA ALA A 1110 -1.19 10.76 24.04
C ALA A 1110 -0.73 10.35 22.65
N ASN A 1111 0.58 10.33 22.42
CA ASN A 1111 1.15 9.86 21.16
C ASN A 1111 1.39 8.35 21.17
N ASP A 1112 0.84 7.63 22.15
CA ASP A 1112 1.03 6.19 22.28
C ASP A 1112 2.50 5.81 22.45
N GLN A 1113 3.27 6.68 23.10
CA GLN A 1113 4.65 6.42 23.44
C GLN A 1113 4.77 6.08 24.92
N ILE A 1114 5.62 5.11 25.25
CA ILE A 1114 5.76 4.65 26.62
C ILE A 1114 6.55 5.68 27.41
N SER A 1115 5.95 6.21 28.48
CA SER A 1115 6.61 7.16 29.35
C SER A 1115 7.13 6.54 30.64
N HIS A 1116 6.64 5.36 31.01
CA HIS A 1116 7.05 4.73 32.25
C HIS A 1116 6.85 3.23 32.12
N ALA A 1117 7.91 2.48 32.34
CA ALA A 1117 7.87 1.01 32.29
C ALA A 1117 8.47 0.48 33.57
N THR A 1118 7.73 -0.37 34.27
CA THR A 1118 8.14 -0.90 35.56
C THR A 1118 8.05 -2.42 35.53
N TRP A 1119 9.15 -3.09 35.84
CA TRP A 1119 9.17 -4.53 36.04
C TRP A 1119 9.18 -4.81 37.54
N THR A 1120 8.28 -5.69 37.98
CA THR A 1120 8.23 -6.09 39.37
C THR A 1120 8.15 -7.61 39.44
N GLY A 1121 8.78 -8.18 40.46
CA GLY A 1121 8.88 -9.63 40.57
C GLY A 1121 8.10 -10.22 41.72
N SER A 1122 8.61 -10.07 42.95
CA SER A 1122 7.93 -10.55 44.14
C SER A 1122 7.68 -9.47 45.18
N SER A 1123 8.26 -8.29 45.05
CA SER A 1123 8.02 -7.18 45.96
C SER A 1123 7.17 -6.12 45.24
N ASP A 1124 6.20 -5.56 45.97
CA ASP A 1124 5.31 -4.57 45.36
C ASP A 1124 6.08 -3.34 44.88
N ILE A 1125 7.18 -3.01 45.54
CA ILE A 1125 8.05 -1.92 45.08
C ILE A 1125 8.74 -2.37 43.80
N PRO A 1126 8.67 -1.59 42.72
CA PRO A 1126 9.25 -2.04 41.45
C PRO A 1126 10.74 -2.27 41.54
N MET A 1127 11.18 -3.45 41.09
CA MET A 1127 12.61 -3.75 41.09
C MET A 1127 13.36 -2.85 40.11
N ARG A 1128 12.85 -2.71 38.89
CA ARG A 1128 13.51 -1.88 37.88
C ARG A 1128 12.46 -1.06 37.13
N GLU A 1129 12.76 0.21 36.93
CA GLU A 1129 11.88 1.12 36.20
C GLU A 1129 12.67 1.85 35.13
N GLU A 1130 11.98 2.16 34.03
CA GLU A 1130 12.48 3.05 32.99
C GLU A 1130 11.49 4.18 32.80
N ARG A 1131 11.97 5.41 32.79
CA ARG A 1131 11.16 6.59 32.59
C ARG A 1131 11.67 7.33 31.37
N PHE A 1132 10.77 7.70 30.46
CA PHE A 1132 11.15 8.31 29.19
C PHE A 1132 10.37 9.59 28.95
N ALA A 1133 11.07 10.59 28.40
CA ALA A 1133 10.45 11.79 27.89
C ALA A 1133 10.86 11.97 26.43
N TYR A 1134 10.05 12.73 25.69
CA TYR A 1134 10.23 12.87 24.26
C TYR A 1134 10.11 14.33 23.87
N ASP A 1135 10.72 14.67 22.72
CA ASP A 1135 10.67 16.02 22.21
C ASP A 1135 9.47 16.16 21.26
N ARG A 1136 9.39 17.28 20.54
CA ARG A 1136 8.23 17.51 19.67
C ARG A 1136 8.20 16.54 18.51
N ASN A 1137 9.36 16.02 18.09
CA ASN A 1137 9.43 15.04 17.03
C ASN A 1137 9.30 13.61 17.54
N LEU A 1138 8.91 13.43 18.79
CA LEU A 1138 8.70 12.12 19.40
C LEU A 1138 9.99 11.34 19.54
N ASN A 1139 11.12 12.04 19.58
CA ASN A 1139 12.42 11.44 19.80
C ASN A 1139 12.80 11.52 21.27
N ILE A 1140 13.57 10.53 21.73
CA ILE A 1140 13.89 10.40 23.14
C ILE A 1140 14.69 11.61 23.61
N THR A 1141 14.33 12.14 24.77
CA THR A 1141 15.14 13.12 25.48
C THR A 1141 15.65 12.53 26.80
N ARG A 1142 14.77 12.32 27.76
CA ARG A 1142 15.16 11.84 29.07
C ARG A 1142 14.98 10.33 29.19
N ARG A 1143 15.93 9.68 29.87
CA ARG A 1143 15.77 8.30 30.33
C ARG A 1143 16.34 8.21 31.73
N GLN A 1144 15.47 7.89 32.70
CA GLN A 1144 15.88 7.66 34.07
C GLN A 1144 15.54 6.24 34.47
N THR A 1145 16.45 5.58 35.18
CA THR A 1145 16.23 4.24 35.70
C THR A 1145 16.20 4.28 37.22
N GLN A 1146 15.38 3.41 37.81
CA GLN A 1146 15.31 3.24 39.25
C GLN A 1146 15.38 1.77 39.59
N VAL A 1147 16.16 1.45 40.62
CA VAL A 1147 16.27 0.09 41.13
C VAL A 1147 15.72 0.07 42.56
N ASN A 1148 14.70 -0.75 42.79
CA ASN A 1148 14.03 -0.84 44.09
C ASN A 1148 13.60 0.54 44.59
N GLY A 1149 13.20 1.39 43.66
CA GLY A 1149 12.77 2.73 44.02
C GLY A 1149 13.87 3.69 44.35
N VAL A 1150 15.10 3.39 43.98
CA VAL A 1150 16.25 4.26 44.18
C VAL A 1150 16.71 4.76 42.82
N PRO A 1151 16.95 6.07 42.66
CA PRO A 1151 17.47 6.57 41.38
C PRO A 1151 18.78 5.86 41.01
N ASP A 1152 18.75 5.18 39.86
CA ASP A 1152 19.86 4.35 39.41
C ASP A 1152 20.73 5.05 38.39
N SER A 1153 20.13 5.66 37.37
CA SER A 1153 20.89 6.41 36.38
C SER A 1153 19.96 7.42 35.73
N GLU A 1154 20.55 8.48 35.19
CA GLU A 1154 19.80 9.51 34.51
C GLU A 1154 20.56 9.96 33.27
N ALA A 1155 19.85 9.97 32.13
CA ALA A 1155 20.43 10.41 30.87
C ALA A 1155 19.49 11.40 30.21
N TYR A 1156 20.07 12.42 29.60
CA TYR A 1156 19.32 13.38 28.78
C TYR A 1156 20.08 13.58 27.48
N GLN A 1157 19.48 13.13 26.37
CA GLN A 1157 20.07 13.29 25.06
C GLN A 1157 19.36 14.41 24.31
N HIS A 1158 20.10 15.07 23.42
CA HIS A 1158 19.62 16.25 22.71
C HIS A 1158 19.63 15.99 21.22
N GLN A 1159 18.51 16.23 20.57
CA GLN A 1159 18.42 16.13 19.12
C GLN A 1159 18.70 17.47 18.47
N GLN A 1160 19.29 17.43 17.28
CA GLN A 1160 19.36 18.60 16.42
C GLN A 1160 19.02 18.14 15.01
N HIS A 1161 18.01 18.77 14.42
CA HIS A 1161 17.50 18.39 13.09
C HIS A 1161 17.01 16.95 13.07
N GLY A 1162 16.53 16.45 14.21
CA GLY A 1162 15.95 15.14 14.29
C GLY A 1162 16.89 14.00 14.60
N ARG A 1163 18.19 14.27 14.76
CA ARG A 1163 19.17 13.23 15.05
C ARG A 1163 19.90 13.57 16.34
N VAL A 1164 20.25 12.53 17.09
CA VAL A 1164 20.91 12.74 18.38
C VAL A 1164 22.28 13.36 18.14
N THR A 1165 22.57 14.43 18.88
CA THR A 1165 23.82 15.16 18.73
C THR A 1165 24.68 15.12 20.00
N SER A 1166 24.05 15.14 21.17
CA SER A 1166 24.81 15.11 22.42
C SER A 1166 23.92 14.54 23.52
N ARG A 1167 24.56 14.08 24.59
CA ARG A 1167 23.85 13.41 25.67
C ARG A 1167 24.68 13.47 26.94
N GLU A 1168 24.02 13.75 28.06
CA GLU A 1168 24.62 13.68 29.38
C GLU A 1168 24.09 12.44 30.09
N TYR A 1169 24.99 11.75 30.81
CA TYR A 1169 24.65 10.53 31.52
C TYR A 1169 25.32 10.53 32.87
N LYS A 1170 24.57 10.14 33.91
CA LYS A 1170 25.15 9.95 35.23
C LYS A 1170 24.53 8.73 35.88
N ALA A 1171 25.30 8.10 36.77
CA ALA A 1171 24.88 6.91 37.50
C ALA A 1171 25.16 7.09 38.98
N TRP A 1172 24.39 6.38 39.81
CA TRP A 1172 24.43 6.55 41.25
C TRP A 1172 24.70 5.23 41.94
N ARG A 1173 25.45 5.29 43.04
CA ARG A 1173 25.60 4.16 43.95
C ARG A 1173 24.76 4.42 45.20
N HIS A 1174 24.10 3.38 45.69
CA HIS A 1174 23.19 3.49 46.83
C HIS A 1174 23.94 3.19 48.11
N THR A 1175 24.01 4.17 49.00
CA THR A 1175 24.57 4.02 50.34
C THR A 1175 23.45 3.94 51.37
N THR A 1176 23.79 3.42 52.55
CA THR A 1176 22.84 3.39 53.66
C THR A 1176 23.46 3.98 54.92
N GLN A 1190 20.19 5.81 53.80
CA GLN A 1190 19.56 6.03 52.51
C GLN A 1190 20.16 7.27 51.82
N PHE A 1191 21.08 7.05 50.88
CA PHE A 1191 21.76 8.14 50.21
C PHE A 1191 22.06 7.73 48.76
N VAL A 1192 22.39 8.72 47.95
CA VAL A 1192 22.84 8.50 46.57
C VAL A 1192 24.04 9.39 46.30
N ARG A 1193 25.01 8.86 45.55
CA ARG A 1193 26.19 9.61 45.13
C ARG A 1193 26.54 9.24 43.69
N VAL A 1194 27.04 10.21 42.95
CA VAL A 1194 27.37 10.00 41.54
C VAL A 1194 28.66 9.19 41.44
N ILE A 1195 28.62 8.10 40.68
CA ILE A 1195 29.79 7.28 40.43
C ILE A 1195 30.18 7.22 38.96
N ARG A 1196 29.34 7.73 38.06
CA ARG A 1196 29.66 7.84 36.64
C ARG A 1196 29.06 9.14 36.11
N ASP A 1197 29.85 9.85 35.31
CA ASP A 1197 29.42 11.15 34.78
C ASP A 1197 30.09 11.33 33.43
N GLU A 1198 29.31 11.31 32.36
CA GLU A 1198 29.89 11.30 31.02
C GLU A 1198 28.98 12.01 30.03
N GLN A 1199 29.59 12.70 29.08
CA GLN A 1199 28.88 13.39 28.01
C GLN A 1199 29.30 12.79 26.67
N THR A 1200 28.31 12.47 25.84
CA THR A 1200 28.53 11.93 24.51
C THR A 1200 28.16 12.98 23.47
N THR A 1201 28.98 13.09 22.43
CA THR A 1201 28.69 13.95 21.30
C THR A 1201 28.70 13.13 20.02
N TRP A 1202 27.74 13.39 19.14
CA TRP A 1202 27.65 12.77 17.83
C TRP A 1202 28.05 13.76 16.76
N LYS A 1203 28.70 13.27 15.70
CA LYS A 1203 29.14 14.11 14.60
C LYS A 1203 28.80 13.42 13.30
N TYR A 1204 28.14 14.15 12.40
CA TYR A 1204 27.66 13.61 11.13
C TYR A 1204 28.35 14.30 9.97
N ASP A 1205 28.49 13.58 8.86
CA ASP A 1205 29.05 14.18 7.66
C ASP A 1205 27.95 14.87 6.85
N VAL A 1206 28.37 15.53 5.76
CA VAL A 1206 27.45 16.30 4.94
C VAL A 1206 26.37 15.44 4.28
N ASN A 1207 26.55 14.12 4.29
CA ASN A 1207 25.56 13.20 3.76
C ASN A 1207 24.65 12.63 4.84
N GLY A 1208 24.76 13.10 6.07
CA GLY A 1208 23.87 12.67 7.13
C GLY A 1208 24.24 11.36 7.77
N ARG A 1209 25.51 10.95 7.69
CA ARG A 1209 25.95 9.69 8.28
C ARG A 1209 26.77 9.97 9.52
N LEU A 1210 26.49 9.22 10.58
CA LEU A 1210 27.31 9.31 11.79
C LEU A 1210 28.73 8.88 11.48
N VAL A 1211 29.68 9.78 11.73
CA VAL A 1211 31.10 9.49 11.50
C VAL A 1211 31.92 9.45 12.79
N GLU A 1212 31.40 9.96 13.90
CA GLU A 1212 32.14 9.89 15.15
C GLU A 1212 31.17 9.95 16.32
N LYS A 1213 31.37 9.07 17.30
CA LYS A 1213 30.70 9.13 18.59
C LYS A 1213 31.76 9.14 19.67
N LEU A 1214 31.80 10.22 20.44
CA LEU A 1214 32.84 10.45 21.43
C LEU A 1214 32.21 10.51 22.81
N ILE A 1215 32.70 9.67 23.72
CA ILE A 1215 32.18 9.58 25.07
C ILE A 1215 33.24 10.13 26.01
N ASP A 1216 33.01 11.32 26.55
CA ASP A 1216 33.91 11.92 27.52
C ASP A 1216 33.50 11.44 28.90
N LYS A 1217 34.17 10.40 29.40
CA LYS A 1217 33.91 9.85 30.72
C LYS A 1217 34.77 10.63 31.72
N GLY A 1218 34.13 11.52 32.48
CA GLY A 1218 34.82 12.33 33.46
C GLY A 1218 35.62 11.49 34.43
N GLY A 1219 36.92 11.75 34.51
CA GLY A 1219 37.81 10.92 35.30
C GLY A 1219 38.31 9.68 34.60
N TYR A 1220 38.26 9.65 33.27
CA TYR A 1220 38.74 8.52 32.49
C TYR A 1220 39.28 9.02 31.17
N ARG A 1221 39.89 8.11 30.42
CA ARG A 1221 40.28 8.43 29.05
C ARG A 1221 39.04 8.37 28.15
N PRO A 1222 38.95 9.25 27.15
CA PRO A 1222 37.76 9.27 26.30
C PRO A 1222 37.62 8.00 25.49
N LEU A 1223 36.38 7.61 25.24
CA LEU A 1223 36.04 6.50 24.36
C LEU A 1223 35.49 7.05 23.07
N ARG A 1224 36.06 6.63 21.93
CA ARG A 1224 35.70 7.19 20.64
C ARG A 1224 35.42 6.08 19.64
N TRP A 1225 34.29 6.19 18.95
CA TRP A 1225 33.93 5.32 17.83
C TRP A 1225 33.92 6.14 16.55
N ARG A 1226 34.47 5.56 15.48
CA ARG A 1226 34.45 6.19 14.17
C ARG A 1226 33.90 5.22 13.14
N TYR A 1227 33.14 5.76 12.19
CA TYR A 1227 32.38 4.96 11.23
C TYR A 1227 32.73 5.38 9.82
N ARG A 1228 32.97 4.40 8.95
CA ARG A 1228 33.28 4.62 7.55
C ARG A 1228 32.12 4.08 6.71
N TRP A 1229 31.82 4.77 5.59
CA TRP A 1229 30.62 4.49 4.81
C TRP A 1229 30.96 4.50 3.32
N ASP A 1230 30.12 3.81 2.54
CA ASP A 1230 30.21 3.86 1.09
C ASP A 1230 29.17 4.85 0.56
N ALA A 1231 29.15 5.01 -0.78
CA ALA A 1231 28.31 6.01 -1.41
C ALA A 1231 26.81 5.74 -1.26
N ARG A 1232 26.43 4.48 -1.02
CA ARG A 1232 25.03 4.15 -0.74
C ARG A 1232 24.71 4.21 0.76
N SER A 1233 25.58 4.85 1.55
CA SER A 1233 25.38 5.00 2.99
C SER A 1233 25.29 3.65 3.69
N GLN A 1234 26.14 2.72 3.28
CA GLN A 1234 26.26 1.42 3.94
C GLN A 1234 27.51 1.44 4.83
N LEU A 1235 27.36 0.98 6.06
CA LEU A 1235 28.45 1.01 7.03
C LEU A 1235 29.50 -0.03 6.63
N THR A 1236 30.60 0.42 6.05
CA THR A 1236 31.66 -0.47 5.58
C THR A 1236 32.78 -0.67 6.59
N GLY A 1237 32.94 0.22 7.55
CA GLY A 1237 34.03 0.12 8.50
C GLY A 1237 33.65 0.72 9.84
N LEU A 1238 34.26 0.19 10.89
CA LEU A 1238 34.00 0.64 12.25
C LEU A 1238 35.31 0.61 13.05
N GLU A 1239 35.59 1.71 13.74
CA GLU A 1239 36.79 1.82 14.58
C GLU A 1239 36.37 1.95 16.04
N THR A 1240 36.94 1.11 16.89
CA THR A 1240 36.55 1.02 18.30
C THR A 1240 37.40 1.95 19.15
N PRO A 1241 36.99 2.19 20.40
CA PRO A 1241 37.83 2.99 21.31
C PRO A 1241 39.24 2.46 21.48
N GLU A 1242 39.44 1.15 21.35
CA GLU A 1242 40.77 0.57 21.51
C GLU A 1242 41.60 0.65 20.23
N GLY A 1243 41.00 1.04 19.11
CA GLY A 1243 41.72 1.14 17.85
C GLY A 1243 41.53 -0.03 16.92
N GLU A 1244 40.70 -1.01 17.28
CA GLU A 1244 40.45 -2.14 16.40
C GLU A 1244 39.55 -1.72 15.24
N ARG A 1245 39.72 -2.42 14.12
CA ARG A 1245 39.01 -2.09 12.88
C ARG A 1245 38.17 -3.29 12.46
N ARG A 1246 36.86 -3.09 12.36
CA ARG A 1246 35.94 -4.07 11.78
C ARG A 1246 35.51 -3.60 10.40
N GLU A 1247 35.22 -4.56 9.52
CA GLU A 1247 34.83 -4.26 8.16
C GLU A 1247 33.62 -5.11 7.77
N TYR A 1248 32.70 -4.50 7.02
CA TYR A 1248 31.49 -5.17 6.58
C TYR A 1248 31.35 -5.03 5.07
N LYS A 1249 30.82 -6.07 4.43
CA LYS A 1249 30.59 -6.08 3.00
C LYS A 1249 29.14 -6.45 2.71
N TYR A 1250 28.60 -5.90 1.62
CA TYR A 1250 27.19 -6.05 1.29
C TYR A 1250 27.03 -6.50 -0.15
N ASP A 1251 25.99 -7.31 -0.39
CA ASP A 1251 25.67 -7.78 -1.73
C ASP A 1251 24.92 -6.68 -2.49
N PRO A 1252 24.65 -6.85 -3.79
CA PRO A 1252 23.99 -5.78 -4.55
C PRO A 1252 22.65 -5.34 -3.99
N PHE A 1253 22.02 -6.12 -3.12
CA PHE A 1253 20.73 -5.73 -2.53
C PHE A 1253 20.88 -5.14 -1.14
N GLY A 1254 22.10 -4.90 -0.68
CA GLY A 1254 22.33 -4.32 0.63
C GLY A 1254 22.39 -5.29 1.77
N ARG A 1255 22.37 -6.59 1.49
CA ARG A 1255 22.44 -7.60 2.53
C ARG A 1255 23.90 -7.78 2.95
N ARG A 1256 24.20 -7.49 4.22
CA ARG A 1256 25.53 -7.73 4.75
C ARG A 1256 25.88 -9.20 4.65
N ILE A 1257 26.95 -9.52 3.92
CA ILE A 1257 27.34 -10.90 3.67
C ILE A 1257 28.55 -11.33 4.49
N SER A 1258 29.30 -10.40 5.09
CA SER A 1258 30.49 -10.80 5.82
C SER A 1258 30.82 -9.75 6.86
N LYS A 1259 31.63 -10.17 7.83
CA LYS A 1259 32.12 -9.30 8.90
C LYS A 1259 33.52 -9.77 9.25
N ARG A 1260 34.49 -8.87 9.17
CA ARG A 1260 35.89 -9.22 9.39
C ARG A 1260 36.53 -8.23 10.35
N CYS A 1261 37.40 -8.75 11.22
CA CYS A 1261 38.31 -7.91 12.00
C CYS A 1261 39.61 -7.80 11.22
N THR A 1262 39.89 -6.60 10.70
CA THR A 1262 40.96 -6.44 9.73
C THR A 1262 42.35 -6.38 10.34
N ASN A 1263 42.49 -6.24 11.66
CA ASN A 1263 43.81 -6.01 12.23
C ASN A 1263 44.06 -6.70 13.57
N ARG A 1264 43.24 -7.67 13.97
CA ARG A 1264 43.45 -8.35 15.25
C ARG A 1264 43.25 -9.85 15.04
N ASP A 1265 43.11 -10.57 16.15
CA ASP A 1265 42.91 -12.01 16.15
C ASP A 1265 41.46 -12.30 16.55
N ARG A 1266 40.54 -11.91 15.68
CA ARG A 1266 39.11 -12.09 15.91
C ARG A 1266 38.51 -12.83 14.73
N PRO A 1267 37.91 -14.00 14.93
CA PRO A 1267 37.31 -14.73 13.81
C PRO A 1267 36.18 -13.93 13.18
N GLY A 1268 36.01 -14.11 11.86
CA GLY A 1268 34.98 -13.43 11.12
C GLY A 1268 33.68 -14.22 11.05
N THR A 1269 32.69 -13.60 10.40
CA THR A 1269 31.40 -14.24 10.21
C THR A 1269 30.93 -13.98 8.78
N ASP A 1270 30.56 -15.05 8.09
CA ASP A 1270 29.86 -14.96 6.81
C ASP A 1270 28.37 -15.07 7.06
N PHE A 1271 27.58 -14.45 6.17
CA PHE A 1271 26.14 -14.40 6.33
C PHE A 1271 25.47 -14.88 5.05
N HIS A 1272 24.54 -15.82 5.20
CA HIS A 1272 23.75 -16.33 4.09
C HIS A 1272 22.30 -15.87 4.25
N TRP A 1273 21.67 -15.55 3.12
CA TRP A 1273 20.33 -14.98 3.11
C TRP A 1273 19.41 -15.78 2.19
N ASN A 1274 18.13 -15.79 2.53
CA ASN A 1274 17.06 -16.19 1.61
C ASN A 1274 16.14 -14.99 1.49
N GLY A 1275 16.16 -14.32 0.35
CA GLY A 1275 15.39 -13.11 0.19
C GLY A 1275 15.83 -12.08 1.22
N ASP A 1276 14.87 -11.63 2.03
CA ASP A 1276 15.12 -10.63 3.06
C ASP A 1276 15.45 -11.22 4.42
N GLN A 1277 15.61 -12.54 4.51
CA GLN A 1277 15.84 -13.22 5.77
C GLN A 1277 17.29 -13.66 5.90
N LEU A 1278 17.93 -13.29 7.01
CA LEU A 1278 19.25 -13.80 7.35
C LEU A 1278 19.09 -15.21 7.87
N THR A 1279 19.45 -16.20 7.05
CA THR A 1279 19.23 -17.60 7.36
C THR A 1279 20.42 -18.28 8.01
N GLU A 1280 21.65 -17.89 7.70
CA GLU A 1280 22.82 -18.53 8.27
C GLU A 1280 23.84 -17.49 8.70
N GLU A 1281 24.41 -17.68 9.88
CA GLU A 1281 25.65 -17.02 10.28
C GLU A 1281 26.74 -18.07 10.34
N ILE A 1282 27.78 -17.89 9.53
CA ILE A 1282 28.79 -18.91 9.29
C ILE A 1282 30.10 -18.42 9.91
N PRO A 1283 30.62 -19.09 10.94
CA PRO A 1283 31.91 -18.68 11.51
C PRO A 1283 33.03 -18.81 10.48
N VAL A 1284 33.94 -17.84 10.49
CA VAL A 1284 35.10 -17.82 9.61
C VAL A 1284 36.35 -17.81 10.47
N GLY A 1285 37.25 -18.75 10.22
CA GLY A 1285 38.53 -18.74 10.91
C GLY A 1285 39.36 -17.52 10.56
N THR A 1286 40.35 -17.26 11.40
CA THR A 1286 41.24 -16.13 11.16
C THR A 1286 42.02 -16.27 9.86
N ASP A 1287 42.21 -17.50 9.36
CA ASP A 1287 42.81 -17.72 8.05
C ASP A 1287 41.81 -17.61 6.91
N GLY A 1288 40.60 -17.11 7.18
CA GLY A 1288 39.62 -16.88 6.14
C GLY A 1288 38.81 -18.08 5.71
N THR A 1289 38.99 -19.24 6.35
CA THR A 1289 38.28 -20.44 5.93
C THR A 1289 36.90 -20.48 6.58
N PRO A 1290 35.82 -20.52 5.80
CA PRO A 1290 34.49 -20.62 6.41
C PRO A 1290 34.26 -22.00 7.01
N GLU A 1291 33.59 -22.01 8.16
CA GLU A 1291 33.26 -23.25 8.86
C GLU A 1291 31.78 -23.54 8.62
N TYR A 1292 31.48 -24.02 7.41
CA TYR A 1292 30.09 -24.28 7.04
C TYR A 1292 29.44 -25.32 7.93
N GLU A 1293 30.23 -26.26 8.45
CA GLU A 1293 29.68 -27.28 9.34
C GLU A 1293 29.31 -26.72 10.71
N ASN A 1294 29.81 -25.53 11.06
CA ASN A 1294 29.48 -24.87 12.31
C ASN A 1294 28.49 -23.73 12.12
N ALA A 1295 27.82 -23.67 10.96
CA ALA A 1295 26.91 -22.58 10.69
C ALA A 1295 25.67 -22.67 11.57
N ILE A 1296 25.21 -21.51 12.02
CA ILE A 1296 23.96 -21.38 12.77
C ILE A 1296 22.86 -21.00 11.78
N ARG A 1297 21.89 -21.88 11.61
CA ARG A 1297 20.76 -21.66 10.71
C ARG A 1297 19.56 -21.16 11.48
N TRP A 1298 19.00 -20.03 11.04
CA TRP A 1298 17.76 -19.52 11.59
C TRP A 1298 16.63 -19.86 10.63
N ILE A 1299 15.54 -20.41 11.16
CA ILE A 1299 14.46 -20.98 10.36
C ILE A 1299 13.29 -20.00 10.35
N TYR A 1300 12.98 -19.49 9.16
CA TYR A 1300 11.81 -18.64 8.96
C TYR A 1300 10.88 -19.29 7.95
N GLU A 1301 9.59 -19.05 8.12
CA GLU A 1301 8.67 -19.26 7.01
C GLU A 1301 9.02 -18.27 5.89
N PRO A 1302 8.97 -18.69 4.63
CA PRO A 1302 9.36 -17.79 3.54
C PRO A 1302 8.57 -16.48 3.58
N GLY A 1303 9.30 -15.37 3.51
CA GLY A 1303 8.73 -14.05 3.58
C GLY A 1303 8.56 -13.48 4.97
N SER A 1304 8.58 -14.33 6.00
CA SER A 1304 8.34 -13.89 7.36
C SER A 1304 9.65 -13.49 8.04
N PHE A 1305 9.55 -12.52 8.95
CA PHE A 1305 10.71 -12.09 9.73
C PHE A 1305 10.74 -12.69 11.13
N THR A 1306 9.77 -13.56 11.46
CA THR A 1306 9.70 -14.15 12.79
C THR A 1306 10.26 -15.56 12.74
N PRO A 1307 11.37 -15.83 13.43
CA PRO A 1307 11.96 -17.18 13.36
C PRO A 1307 11.16 -18.18 14.19
N LEU A 1308 11.06 -19.40 13.68
CA LEU A 1308 10.37 -20.47 14.38
C LEU A 1308 11.32 -21.50 14.97
N ALA A 1309 12.53 -21.62 14.45
CA ALA A 1309 13.45 -22.63 14.95
C ALA A 1309 14.88 -22.20 14.65
N ARG A 1310 15.83 -22.93 15.23
CA ARG A 1310 17.25 -22.67 15.13
C ARG A 1310 17.95 -24.02 14.99
N TYR A 1311 18.94 -24.09 14.10
CA TYR A 1311 19.59 -25.36 13.80
C TYR A 1311 21.11 -25.16 13.73
N GLU A 1312 21.85 -25.82 14.61
CA GLU A 1312 23.30 -25.69 14.68
C GLU A 1312 23.89 -27.04 15.05
N LYS A 1313 24.75 -27.58 14.18
CA LYS A 1313 25.43 -28.85 14.41
C LYS A 1313 24.45 -29.97 14.72
N GLY A 1314 23.40 -30.05 13.91
CA GLY A 1314 22.40 -31.06 14.14
C GLY A 1314 21.53 -30.86 15.36
N GLN A 1315 21.64 -29.72 16.03
CA GLN A 1315 20.84 -29.42 17.21
C GLN A 1315 19.69 -28.49 16.80
N LEU A 1316 18.47 -28.91 17.09
CA LEU A 1316 17.28 -28.14 16.74
C LEU A 1316 16.71 -27.50 17.99
N HIS A 1317 16.54 -26.18 17.95
CA HIS A 1317 15.87 -25.43 19.00
C HIS A 1317 14.64 -24.75 18.43
N TYR A 1318 13.56 -24.73 19.20
CA TYR A 1318 12.36 -24.00 18.84
C TYR A 1318 12.32 -22.66 19.57
N THR A 1319 11.69 -21.68 18.94
CA THR A 1319 11.59 -20.34 19.48
C THR A 1319 10.20 -20.11 20.08
N ILE A 1320 10.15 -19.17 21.02
CA ILE A 1320 8.91 -18.56 21.47
C ILE A 1320 9.07 -17.05 21.32
N THR A 1321 8.20 -16.43 20.53
CA THR A 1321 8.33 -15.02 20.18
C THR A 1321 7.22 -14.21 20.83
N ASP A 1322 7.47 -12.90 20.99
CA ASP A 1322 6.55 -12.03 21.68
C ASP A 1322 5.60 -11.37 20.67
N THR A 1323 4.96 -10.26 21.06
CA THR A 1323 3.93 -9.64 20.23
C THR A 1323 4.49 -8.87 19.04
N VAL A 1324 5.79 -8.59 19.01
CA VAL A 1324 6.42 -7.96 17.86
C VAL A 1324 7.29 -8.93 17.07
N GLY A 1325 7.27 -10.21 17.43
CA GLY A 1325 8.03 -11.21 16.71
C GLY A 1325 9.46 -11.40 17.16
N ARG A 1326 9.79 -10.96 18.37
CA ARG A 1326 11.14 -11.07 18.90
C ARG A 1326 11.27 -12.34 19.74
N ILE A 1327 12.40 -13.03 19.58
CA ILE A 1327 12.66 -14.25 20.34
C ILE A 1327 12.81 -13.92 21.82
N GLN A 1328 12.02 -14.60 22.65
CA GLN A 1328 12.14 -14.50 24.10
C GLN A 1328 12.66 -15.78 24.75
N GLU A 1329 12.43 -16.94 24.14
CA GLU A 1329 12.95 -18.19 24.65
C GLU A 1329 13.40 -19.09 23.49
N LEU A 1330 14.50 -19.79 23.71
CA LEU A 1330 14.90 -20.92 22.87
C LEU A 1330 14.73 -22.19 23.66
N LEU A 1331 14.05 -23.17 23.08
CA LEU A 1331 13.77 -24.44 23.75
C LEU A 1331 14.27 -25.58 22.90
N THR A 1332 14.78 -26.62 23.55
CA THR A 1332 15.14 -27.85 22.85
C THR A 1332 13.86 -28.54 22.33
N GLU A 1333 14.05 -29.61 21.57
CA GLU A 1333 12.92 -30.31 20.97
C GLU A 1333 11.99 -30.89 22.04
N ASP A 1334 12.54 -31.27 23.20
CA ASP A 1334 11.73 -31.82 24.28
C ASP A 1334 11.21 -30.75 25.24
N GLY A 1335 11.36 -29.48 24.89
CA GLY A 1335 10.74 -28.40 25.65
C GLY A 1335 11.56 -27.86 26.81
N THR A 1336 12.85 -28.14 26.86
CA THR A 1336 13.71 -27.58 27.90
C THR A 1336 14.07 -26.15 27.54
N ILE A 1337 13.76 -25.21 28.44
CA ILE A 1337 14.10 -23.81 28.21
C ILE A 1337 15.60 -23.63 28.41
N VAL A 1338 16.28 -23.12 27.39
CA VAL A 1338 17.74 -23.02 27.40
C VAL A 1338 18.20 -21.57 27.29
N TRP A 1339 17.45 -20.74 26.57
CA TRP A 1339 17.77 -19.33 26.44
C TRP A 1339 16.58 -18.50 26.89
N ARG A 1340 16.86 -17.45 27.66
CA ARG A 1340 15.83 -16.54 28.17
C ARG A 1340 16.26 -15.11 27.90
N GLY A 1341 15.47 -14.39 27.11
CA GLY A 1341 15.78 -13.01 26.82
C GLY A 1341 15.29 -12.05 27.89
N LYS A 1342 16.01 -10.94 28.03
CA LYS A 1342 15.63 -9.87 28.94
C LYS A 1342 16.07 -8.56 28.34
N GLN A 1343 15.13 -7.64 28.13
CA GLN A 1343 15.42 -6.44 27.35
C GLN A 1343 14.98 -5.17 28.08
N HIS A 1344 15.78 -4.12 27.91
CA HIS A 1344 15.27 -2.78 28.18
C HIS A 1344 14.28 -2.39 27.08
N LEU A 1345 13.53 -1.31 27.33
CA LEU A 1345 12.40 -0.97 26.46
C LEU A 1345 12.81 -0.90 24.99
N TRP A 1346 13.90 -0.18 24.70
CA TRP A 1346 14.26 0.12 23.33
C TRP A 1346 15.17 -0.95 22.70
N GLY A 1347 15.34 -2.09 23.34
CA GLY A 1347 15.92 -3.26 22.70
C GLY A 1347 17.19 -3.80 23.30
N ARG A 1348 17.81 -3.13 24.26
CA ARG A 1348 19.06 -3.62 24.83
C ARG A 1348 18.84 -4.97 25.50
N GLU A 1349 19.52 -6.00 24.99
CA GLU A 1349 19.41 -7.35 25.52
C GLU A 1349 20.41 -7.55 26.65
N GLU A 1350 19.93 -8.10 27.77
CA GLU A 1350 20.83 -8.31 28.90
C GLU A 1350 20.46 -9.54 29.74
N GLY A 1351 19.71 -10.48 29.19
CA GLY A 1351 19.45 -11.72 29.91
C GLY A 1351 20.72 -12.53 30.10
N ARG A 1352 20.86 -13.13 31.28
CA ARG A 1352 22.02 -13.94 31.61
C ARG A 1352 21.68 -15.40 31.38
N ASN A 1353 22.38 -16.04 30.45
CA ASN A 1353 22.16 -17.42 30.11
C ASN A 1353 23.43 -18.22 30.35
N LYS A 1354 23.29 -19.55 30.32
CA LYS A 1354 24.42 -20.43 30.53
C LYS A 1354 25.48 -20.23 29.45
N ASP A 1355 26.71 -20.62 29.78
CA ASP A 1355 27.81 -20.52 28.82
C ASP A 1355 27.60 -21.46 27.65
N ASP A 1356 27.10 -22.67 27.91
CA ASP A 1356 26.86 -23.66 26.87
C ASP A 1356 25.56 -23.42 26.11
N ALA A 1357 24.74 -22.46 26.55
CA ALA A 1357 23.46 -22.21 25.88
C ALA A 1357 23.71 -21.68 24.47
N PRO A 1358 22.79 -21.96 23.54
CA PRO A 1358 22.95 -21.43 22.18
C PRO A 1358 22.88 -19.92 22.18
N SER A 1359 23.69 -19.32 21.30
CA SER A 1359 23.66 -17.88 21.13
C SER A 1359 22.38 -17.47 20.39
N CYS A 1360 21.91 -16.27 20.69
CA CYS A 1360 20.73 -15.70 20.02
C CYS A 1360 20.98 -14.21 19.90
N ARG A 1361 21.56 -13.81 18.78
CA ARG A 1361 21.86 -12.41 18.52
C ARG A 1361 20.70 -11.68 17.85
N LEU A 1362 19.62 -12.39 17.54
CA LEU A 1362 18.45 -11.74 16.95
C LEU A 1362 17.68 -10.95 17.99
N ARG A 1363 17.25 -9.74 17.60
CA ARG A 1363 16.53 -8.85 18.50
C ARG A 1363 15.15 -8.55 17.97
N PHE A 1364 14.87 -7.28 17.69
CA PHE A 1364 13.64 -6.95 16.99
C PHE A 1364 13.70 -7.55 15.59
N PRO A 1365 12.56 -7.69 14.91
CA PRO A 1365 12.57 -8.28 13.57
C PRO A 1365 13.56 -7.58 12.66
N GLY A 1366 14.33 -8.38 11.91
CA GLY A 1366 15.32 -7.87 11.01
C GLY A 1366 16.59 -7.36 11.66
N GLN A 1367 16.73 -7.49 12.98
CA GLN A 1367 17.86 -6.94 13.70
C GLN A 1367 18.78 -8.04 14.20
N TYR A 1368 20.08 -7.79 14.12
CA TYR A 1368 21.12 -8.72 14.52
C TYR A 1368 22.17 -7.92 15.29
N GLU A 1369 22.52 -8.40 16.49
CA GLU A 1369 23.43 -7.68 17.37
C GLU A 1369 24.87 -7.99 17.03
N ASP A 1370 25.66 -6.96 16.73
CA ASP A 1370 27.10 -7.09 16.59
C ASP A 1370 27.74 -6.86 17.95
N GLU A 1371 28.36 -7.90 18.50
CA GLU A 1371 28.93 -7.78 19.84
C GLU A 1371 30.15 -6.86 19.89
N GLU A 1372 30.75 -6.54 18.74
CA GLU A 1372 31.90 -5.66 18.73
C GLU A 1372 31.51 -4.19 18.90
N SER A 1373 30.25 -3.85 18.63
CA SER A 1373 29.79 -2.47 18.76
C SER A 1373 28.61 -2.28 19.69
N GLY A 1374 27.85 -3.34 19.98
CA GLY A 1374 26.57 -3.19 20.62
C GLY A 1374 25.45 -2.73 19.71
N LEU A 1375 25.76 -2.38 18.46
CA LEU A 1375 24.75 -1.98 17.50
C LEU A 1375 23.92 -3.17 17.05
N TYR A 1376 22.73 -2.88 16.53
CA TYR A 1376 21.85 -3.88 15.93
C TYR A 1376 21.81 -3.63 14.43
N TYR A 1377 22.48 -4.49 13.66
CA TYR A 1377 22.38 -4.43 12.21
C TYR A 1377 20.94 -4.69 11.78
N ASN A 1378 20.37 -3.78 11.00
CA ASN A 1378 18.96 -3.81 10.66
C ASN A 1378 18.78 -3.63 9.15
N ARG A 1379 19.39 -4.55 8.40
CA ARG A 1379 19.26 -4.63 6.94
C ARG A 1379 19.91 -3.45 6.23
N PHE A 1380 19.19 -2.33 6.08
CA PHE A 1380 19.72 -1.19 5.35
C PHE A 1380 20.41 -0.16 6.24
N ARG A 1381 20.17 -0.19 7.54
CA ARG A 1381 20.80 0.75 8.47
C ARG A 1381 21.15 0.00 9.75
N TYR A 1382 21.94 0.67 10.59
CA TYR A 1382 22.33 0.14 11.89
C TYR A 1382 21.57 0.89 12.99
N TYR A 1383 21.07 0.13 13.96
CA TYR A 1383 20.18 0.67 14.99
C TYR A 1383 20.92 0.83 16.31
N ASP A 1384 20.78 2.01 16.91
CA ASP A 1384 21.28 2.30 18.26
C ASP A 1384 20.12 2.15 19.23
N CYS A 1385 20.13 1.06 20.00
CA CYS A 1385 19.05 0.78 20.95
C CYS A 1385 19.14 1.61 22.22
N GLU A 1386 20.16 2.45 22.37
CA GLU A 1386 20.22 3.37 23.50
C GLU A 1386 19.67 4.74 23.15
N ALA A 1387 20.03 5.26 21.98
CA ALA A 1387 19.46 6.50 21.49
C ALA A 1387 18.10 6.29 20.82
N GLY A 1388 17.77 5.05 20.47
CA GLY A 1388 16.53 4.78 19.77
C GLY A 1388 16.51 5.27 18.34
N GLN A 1389 17.67 5.39 17.70
CA GLN A 1389 17.76 5.96 16.36
C GLN A 1389 18.74 5.15 15.51
N TYR A 1390 18.65 5.37 14.20
CA TYR A 1390 19.59 4.80 13.24
C TYR A 1390 20.79 5.72 13.07
N LEU A 1391 21.88 5.14 12.56
CA LEU A 1391 23.14 5.86 12.44
C LEU A 1391 23.22 6.74 11.19
N CYS A 1392 22.23 6.71 10.31
CA CYS A 1392 22.20 7.59 9.16
C CYS A 1392 20.75 7.83 8.75
N ALA A 1393 20.56 8.68 7.75
CA ALA A 1393 19.22 9.04 7.31
C ALA A 1393 18.56 7.88 6.56
N ASP A 1394 17.23 7.86 6.61
CA ASP A 1394 16.43 6.85 5.93
C ASP A 1394 16.72 6.88 4.44
N PRO A 1395 17.26 5.81 3.85
CA PRO A 1395 17.60 5.84 2.41
C PRO A 1395 16.41 6.02 1.49
N ILE A 1396 15.19 5.72 1.93
CA ILE A 1396 14.02 5.98 1.09
C ILE A 1396 13.36 7.32 1.40
N GLY A 1397 13.96 8.12 2.29
CA GLY A 1397 13.50 9.49 2.48
C GLY A 1397 12.14 9.56 3.15
N LEU A 1398 11.31 10.48 2.64
CA LEU A 1398 9.98 10.70 3.22
C LEU A 1398 9.08 9.47 3.13
N ARG A 1399 9.40 8.54 2.22
CA ARG A 1399 8.57 7.35 2.07
C ARG A 1399 8.60 6.44 3.30
N GLY A 1400 9.55 6.64 4.21
CA GLY A 1400 9.57 5.95 5.47
C GLY A 1400 9.07 6.76 6.65
N GLY A 1401 8.55 7.95 6.43
CA GLY A 1401 8.11 8.83 7.49
C GLY A 1401 8.94 10.10 7.56
N ILE A 1402 8.41 11.06 8.32
CA ILE A 1402 9.11 12.35 8.47
C ILE A 1402 10.20 12.30 9.52
N ASN A 1403 10.30 11.22 10.29
CA ASN A 1403 11.36 11.02 11.26
C ASN A 1403 12.46 10.22 10.59
N LEU A 1404 13.43 10.91 9.99
CA LEU A 1404 14.40 10.28 9.12
C LEU A 1404 15.42 9.44 9.87
N TYR A 1405 15.63 9.67 11.17
CA TYR A 1405 16.58 8.88 11.94
C TYR A 1405 15.93 7.98 12.98
N ALA A 1406 14.64 8.14 13.25
CA ALA A 1406 13.99 7.41 14.33
C ALA A 1406 13.73 5.96 13.95
N TYR A 1407 13.67 5.10 14.97
CA TYR A 1407 13.33 3.69 14.77
C TYR A 1407 11.82 3.51 14.66
N ALA A 1408 11.13 3.60 15.80
CA ALA A 1408 9.69 3.45 15.84
C ALA A 1408 9.22 4.18 17.08
N PRO A 1409 8.09 4.89 17.03
CA PRO A 1409 7.67 5.67 18.21
C PRO A 1409 7.42 4.82 19.44
N ASN A 1410 7.03 3.56 19.27
CA ASN A 1410 6.81 2.64 20.38
C ASN A 1410 7.36 1.27 19.98
N PRO A 1411 8.47 0.83 20.60
CA PRO A 1411 9.11 -0.42 20.15
C PRO A 1411 8.34 -1.68 20.51
N LEU A 1412 7.27 -1.57 21.30
CA LEU A 1412 6.38 -2.69 21.58
C LEU A 1412 5.15 -2.71 20.68
N SER A 1413 4.99 -1.70 19.82
CA SER A 1413 3.85 -1.61 18.91
C SER A 1413 4.23 -1.77 17.45
N TRP A 1414 5.33 -1.16 17.02
CA TRP A 1414 5.72 -1.14 15.62
C TRP A 1414 7.07 -1.81 15.44
N ILE A 1415 7.32 -2.29 14.21
CA ILE A 1415 8.58 -2.91 13.85
C ILE A 1415 9.10 -2.24 12.58
N ASP A 1416 10.37 -2.51 12.27
CA ASP A 1416 11.03 -1.96 11.09
C ASP A 1416 12.09 -2.93 10.62
N PRO A 1417 11.67 -4.08 10.06
CA PRO A 1417 12.63 -5.16 9.78
C PRO A 1417 13.66 -4.82 8.71
N LEU A 1418 13.36 -3.91 7.79
CA LEU A 1418 14.31 -3.53 6.75
C LEU A 1418 15.16 -2.32 7.13
N GLY A 1419 14.92 -1.71 8.28
CA GLY A 1419 15.64 -0.51 8.63
C GLY A 1419 15.31 0.68 7.76
N LEU A 1420 14.10 0.73 7.22
CA LEU A 1420 13.69 1.80 6.32
C LEU A 1420 12.66 2.70 6.98
#